data_1UA2
#
_entry.id   1UA2
#
_cell.length_a   65.501
_cell.length_b   191.635
_cell.length_c   75.794
_cell.angle_alpha   90.00
_cell.angle_beta   94.40
_cell.angle_gamma   90.00
#
_symmetry.space_group_name_H-M   'P 1 21 1'
#
loop_
_entity.id
_entity.type
_entity.pdbx_description
1 polymer 'Cell division protein kinase 7'
2 non-polymer "ADENOSINE-5'-TRIPHOSPHATE"
3 water water
#
_entity_poly.entity_id   1
_entity_poly.type   'polypeptide(L)'
_entity_poly.pdbx_seq_one_letter_code
;MALDVKSRAKRYEKLDFLGEGQFATVYKARDKNTNQIVAIKKIKLGHRSEAKDGINRTALREIKLLQELSHPNIIGLLDA
FGHKSNISLVFDFMETDLEVIIKDNSLVLTPSHIKAYMLMTLQGLEYLHQHWILHRDLKPNNLLLDENGVLKLADFGLAK
SFGSPNRAY(TPO)HQVVTRWYRAPELLFGARMYGVGVDMWAVGCILAELLLRVPFLPGDSDLDQLTRIFETLGTPTEEQ
WPDMCSLPDYVTFKSFPGIPLHHIFSAAGDDLLDLIQGLFLFNPCARITATQALKMKYFSNRPGPTPGCQLPRPNCPVET
LKEQSNPALAIKRKRTEALEQGGLPKKLIF
;
_entity_poly.pdbx_strand_id   A,B,C,D
#
# COMPACT_ATOMS: atom_id res chain seq x y z
N GLU A 13 2.03 69.66 49.40
CA GLU A 13 1.57 68.60 50.36
C GLU A 13 1.48 67.18 49.81
N LYS A 14 2.43 66.31 50.20
CA LYS A 14 2.51 64.90 49.74
C LYS A 14 1.17 64.20 49.87
N LEU A 15 0.90 63.23 49.02
CA LEU A 15 -0.40 62.58 49.06
C LEU A 15 -0.33 61.14 48.59
N ASP A 16 0.87 60.60 48.34
CA ASP A 16 0.90 59.29 47.68
C ASP A 16 2.14 59.12 46.86
N PHE A 17 2.70 57.91 46.84
CA PHE A 17 3.79 57.61 45.94
C PHE A 17 3.20 56.97 44.69
N LEU A 18 3.73 57.38 43.55
CA LEU A 18 3.19 57.00 42.25
C LEU A 18 4.07 56.06 41.48
N GLY A 19 5.39 56.21 41.60
CA GLY A 19 6.28 55.36 40.85
C GLY A 19 7.66 55.95 40.72
N GLU A 20 8.62 55.09 40.41
CA GLU A 20 9.96 55.53 40.09
C GLU A 20 10.04 55.69 38.58
N GLY A 21 10.94 56.52 38.11
CA GLY A 21 11.08 56.73 36.68
C GLY A 21 12.53 56.90 36.32
N GLN A 22 12.91 56.47 35.12
CA GLN A 22 14.29 56.58 34.64
C GLN A 22 15.11 57.52 35.47
N PHE A 23 14.59 58.74 35.67
CA PHE A 23 15.38 59.80 36.29
C PHE A 23 14.66 60.60 37.34
N ALA A 24 13.60 60.03 37.93
CA ALA A 24 12.85 60.72 38.97
C ALA A 24 11.97 59.81 39.82
N THR A 25 11.77 60.23 41.07
CA THR A 25 10.66 59.68 41.86
C THR A 25 9.48 60.59 41.63
N VAL A 26 8.29 60.00 41.56
CA VAL A 26 7.10 60.72 41.18
C VAL A 26 6.02 60.45 42.19
N TYR A 27 5.45 61.53 42.71
CA TYR A 27 4.69 61.53 43.93
C TYR A 27 3.40 62.27 43.72
N LYS A 28 2.27 61.60 43.92
CA LYS A 28 0.97 62.25 43.85
C LYS A 28 0.88 63.26 44.97
N ALA A 29 0.20 64.36 44.73
CA ALA A 29 0.07 65.39 45.74
C ALA A 29 -0.96 66.44 45.37
N ARG A 30 -1.54 67.05 46.40
CA ARG A 30 -2.34 68.25 46.28
C ARG A 30 -1.32 69.27 46.79
N ASP A 31 -0.76 70.08 45.87
CA ASP A 31 0.48 70.87 46.17
C ASP A 31 0.14 71.92 47.21
N LYS A 32 1.13 72.28 48.04
CA LYS A 32 0.95 73.27 49.11
C LYS A 32 -0.17 74.27 48.70
N ASN A 33 -1.32 74.13 49.38
CA ASN A 33 -2.61 74.82 49.09
C ASN A 33 -3.20 74.48 47.73
N THR A 34 -2.36 74.47 46.68
CA THR A 34 -2.81 74.18 45.32
C THR A 34 -3.65 72.87 45.34
N ASN A 35 -4.96 73.11 45.20
CA ASN A 35 -6.05 72.11 45.31
C ASN A 35 -6.15 71.17 44.11
N GLN A 36 -5.69 71.63 42.93
CA GLN A 36 -5.48 70.74 41.82
C GLN A 36 -4.72 69.57 42.43
N ILE A 37 -5.03 68.35 42.00
CA ILE A 37 -4.17 67.21 42.31
C ILE A 37 -3.08 67.15 41.24
N VAL A 38 -1.90 66.68 41.65
CA VAL A 38 -0.67 67.05 40.98
C VAL A 38 0.33 65.92 41.15
N ALA A 39 1.25 65.83 40.20
CA ALA A 39 2.32 64.88 40.33
C ALA A 39 3.59 65.67 40.36
N ILE A 40 4.41 65.39 41.36
CA ILE A 40 5.68 66.05 41.58
C ILE A 40 6.73 65.07 41.16
N LYS A 41 7.76 65.57 40.54
CA LYS A 41 8.82 64.72 40.08
C LYS A 41 10.11 65.15 40.77
N LYS A 42 10.75 64.23 41.49
CA LYS A 42 11.95 64.56 42.26
C LYS A 42 13.25 64.05 41.65
N ILE A 43 14.23 64.94 41.49
CA ILE A 43 15.61 64.56 41.08
C ILE A 43 16.73 65.02 42.03
N ASN A 56 20.82 74.17 36.61
CA ASN A 56 22.05 74.37 35.85
C ASN A 56 21.89 74.85 34.40
N ARG A 57 21.30 76.04 34.28
CA ARG A 57 21.17 76.83 33.04
C ARG A 57 20.26 76.24 31.98
N THR A 58 20.77 75.31 31.17
CA THR A 58 19.96 74.70 30.11
C THR A 58 18.70 74.10 30.72
N ALA A 59 18.89 73.37 31.82
CA ALA A 59 17.79 72.76 32.55
C ALA A 59 16.80 73.82 33.01
N LEU A 60 17.31 74.97 33.47
CA LEU A 60 16.44 76.07 33.84
C LEU A 60 15.67 76.61 32.63
N ARG A 61 16.32 76.64 31.46
CA ARG A 61 15.71 77.10 30.21
C ARG A 61 14.61 76.14 29.78
N GLU A 62 14.85 74.85 29.95
CA GLU A 62 13.90 73.84 29.51
C GLU A 62 12.67 73.93 30.40
N ILE A 63 12.91 74.11 31.69
CA ILE A 63 11.83 74.26 32.67
C ILE A 63 10.95 75.46 32.35
N LYS A 64 11.54 76.63 32.16
CA LYS A 64 10.75 77.82 31.85
C LYS A 64 10.02 77.72 30.52
N LEU A 65 10.46 76.82 29.64
CA LEU A 65 9.86 76.66 28.31
C LEU A 65 8.64 75.79 28.36
N LEU A 66 8.83 74.55 28.80
CA LEU A 66 7.73 73.66 29.03
C LEU A 66 6.70 74.43 29.81
N GLN A 67 7.16 75.34 30.67
CA GLN A 67 6.28 76.18 31.46
C GLN A 67 5.54 77.14 30.57
N GLU A 68 6.27 77.84 29.70
CA GLU A 68 5.69 78.85 28.81
C GLU A 68 4.71 78.26 27.81
N LEU A 69 4.93 76.97 27.46
CA LEU A 69 4.09 76.23 26.52
C LEU A 69 2.69 76.12 27.03
N SER A 70 1.75 75.97 26.11
CA SER A 70 0.36 75.92 26.47
C SER A 70 -0.39 75.20 25.38
N HIS A 71 -0.80 73.97 25.67
CA HIS A 71 -1.51 73.21 24.67
C HIS A 71 -2.30 72.07 25.26
N PRO A 72 -3.56 71.94 24.85
CA PRO A 72 -4.44 70.92 25.40
C PRO A 72 -3.77 69.56 25.49
N ASN A 73 -2.92 69.22 24.51
CA ASN A 73 -2.25 67.91 24.46
C ASN A 73 -0.78 67.95 24.81
N ILE A 74 -0.41 68.86 25.70
CA ILE A 74 0.95 68.98 26.18
C ILE A 74 0.83 69.06 27.69
N ILE A 75 1.58 68.26 28.41
CA ILE A 75 1.54 68.25 29.88
C ILE A 75 1.74 69.65 30.49
N GLY A 76 1.09 69.94 31.59
CA GLY A 76 1.32 71.23 32.22
C GLY A 76 2.40 71.17 33.27
N LEU A 77 3.49 71.91 33.06
CA LEU A 77 4.38 72.15 34.17
C LEU A 77 3.74 73.29 34.98
N LEU A 78 3.63 73.09 36.29
CA LEU A 78 2.95 74.04 37.17
C LEU A 78 3.90 74.81 38.10
N ASP A 79 4.79 74.11 38.82
CA ASP A 79 6.10 74.69 39.21
C ASP A 79 7.22 73.71 39.08
N ALA A 80 8.41 74.27 39.21
CA ALA A 80 9.57 73.59 39.69
C ALA A 80 9.95 74.33 40.96
N PHE A 81 10.61 73.65 41.88
CA PHE A 81 11.25 74.30 43.03
C PHE A 81 12.31 73.33 43.45
N GLY A 82 13.25 73.81 44.27
CA GLY A 82 14.42 73.05 44.71
C GLY A 82 15.71 73.84 44.89
N HIS A 83 16.57 73.33 45.77
CA HIS A 83 17.88 73.89 46.10
C HIS A 83 18.93 72.85 45.70
N LYS A 84 19.58 73.14 44.57
CA LYS A 84 20.68 72.35 43.93
C LYS A 84 20.64 70.81 44.07
N SER A 85 20.69 70.32 45.33
CA SER A 85 20.68 68.89 45.67
C SER A 85 19.39 68.12 45.31
N ASN A 86 18.30 68.84 45.03
CA ASN A 86 16.99 68.26 44.63
C ASN A 86 16.24 69.19 43.70
N ILE A 87 15.59 68.64 42.69
CA ILE A 87 14.64 69.45 41.93
C ILE A 87 13.32 68.73 41.97
N SER A 88 12.24 69.51 42.01
CA SER A 88 10.93 68.93 42.06
C SER A 88 10.07 69.64 41.06
N LEU A 89 9.52 68.88 40.11
CA LEU A 89 8.71 69.46 39.03
C LEU A 89 7.27 69.09 39.16
N VAL A 90 6.41 70.09 39.09
CA VAL A 90 5.00 69.90 39.35
C VAL A 90 4.13 69.88 38.10
N PHE A 91 3.52 68.75 37.82
CA PHE A 91 2.63 68.60 36.69
C PHE A 91 1.26 68.26 37.18
N ASP A 92 0.26 68.76 36.46
CA ASP A 92 -1.10 68.35 36.73
C ASP A 92 -1.12 66.82 36.58
N PHE A 93 -1.97 66.18 37.36
CA PHE A 93 -1.93 64.77 37.56
C PHE A 93 -2.76 64.08 36.48
N MET A 94 -2.23 62.98 35.94
CA MET A 94 -2.92 62.20 34.89
C MET A 94 -3.25 60.79 35.34
N GLU A 95 -4.52 60.40 35.19
CA GLU A 95 -5.02 59.05 35.51
C GLU A 95 -4.02 58.00 35.11
N THR A 96 -3.82 57.82 33.82
CA THR A 96 -2.77 56.94 33.32
C THR A 96 -2.08 57.49 32.09
N ASP A 97 -1.27 56.61 31.50
CA ASP A 97 -0.55 56.86 30.29
C ASP A 97 -0.95 55.75 29.35
N LEU A 98 -0.61 55.92 28.08
CA LEU A 98 -1.05 55.06 27.01
C LEU A 98 -0.42 53.70 27.13
N GLU A 99 0.61 53.56 27.97
CA GLU A 99 1.25 52.25 28.14
C GLU A 99 0.36 51.27 28.91
N VAL A 100 -0.23 51.74 29.99
CA VAL A 100 -1.01 50.88 30.82
C VAL A 100 -2.26 50.44 30.04
N ILE A 101 -2.69 51.26 29.08
CA ILE A 101 -3.82 50.93 28.19
C ILE A 101 -3.46 49.82 27.19
N ILE A 102 -2.34 50.00 26.50
CA ILE A 102 -1.76 49.00 25.61
C ILE A 102 -1.61 47.76 26.43
N LYS A 103 -0.87 47.94 27.52
CA LYS A 103 -0.25 46.89 28.31
C LYS A 103 -1.24 45.92 28.88
N ASP A 104 -0.86 44.65 28.77
CA ASP A 104 -1.57 43.52 29.36
C ASP A 104 -3.07 43.75 29.45
N ASN A 105 -3.46 45.03 29.62
CA ASN A 105 -4.85 45.34 29.89
C ASN A 105 -5.70 44.80 28.76
N SER A 106 -6.15 43.57 29.00
CA SER A 106 -6.91 42.86 28.05
C SER A 106 -8.35 43.20 28.38
N LEU A 107 -8.61 43.72 29.58
CA LEU A 107 -9.89 44.36 29.85
C LEU A 107 -10.07 45.37 28.73
N VAL A 108 -9.13 46.30 28.65
CA VAL A 108 -9.18 47.36 27.65
C VAL A 108 -9.03 46.66 26.31
N LEU A 109 -9.75 47.14 25.30
CA LEU A 109 -9.52 46.74 23.90
C LEU A 109 -9.64 47.94 22.99
N THR A 110 -8.70 48.09 22.09
CA THR A 110 -8.61 49.33 21.35
C THR A 110 -8.96 49.13 19.86
N PRO A 111 -10.08 49.71 19.36
CA PRO A 111 -10.27 50.05 17.92
C PRO A 111 -10.52 51.54 17.74
N SER A 112 -10.20 52.21 16.61
CA SER A 112 -10.77 53.57 16.35
C SER A 112 -10.73 54.60 17.55
N HIS A 113 -10.71 54.07 18.78
CA HIS A 113 -9.96 54.62 19.91
C HIS A 113 -8.59 55.02 19.40
N ILE A 114 -7.87 54.05 18.86
CA ILE A 114 -6.58 54.25 18.23
C ILE A 114 -6.52 55.54 17.39
N LYS A 115 -7.57 55.82 16.61
CA LYS A 115 -7.64 57.09 15.88
C LYS A 115 -7.55 58.32 16.82
N ALA A 116 -8.23 58.27 17.97
CA ALA A 116 -8.31 59.41 18.90
C ALA A 116 -6.93 59.76 19.47
N TYR A 117 -6.35 58.80 20.17
CA TYR A 117 -4.94 58.85 20.59
C TYR A 117 -4.02 59.46 19.54
N MET A 118 -4.05 58.93 18.32
CA MET A 118 -3.19 59.49 17.28
C MET A 118 -3.61 60.90 17.03
N LEU A 119 -4.90 61.14 16.94
CA LEU A 119 -5.35 62.48 16.65
C LEU A 119 -4.64 63.37 17.63
N MET A 120 -4.63 62.98 18.90
CA MET A 120 -4.14 63.91 19.90
C MET A 120 -2.64 64.01 19.81
N THR A 121 -1.97 62.89 20.02
CA THR A 121 -0.53 62.81 19.90
C THR A 121 -0.03 63.74 18.80
N LEU A 122 -0.53 63.57 17.58
CA LEU A 122 -0.10 64.38 16.45
C LEU A 122 -0.38 65.87 16.68
N GLN A 123 -1.60 66.24 17.02
CA GLN A 123 -1.86 67.63 17.38
C GLN A 123 -0.88 68.17 18.44
N GLY A 124 -0.75 67.42 19.55
CA GLY A 124 0.23 67.68 20.60
C GLY A 124 1.60 67.88 20.01
N LEU A 125 2.04 66.91 19.20
CA LEU A 125 3.32 66.97 18.47
C LEU A 125 3.42 68.10 17.44
N GLU A 126 2.34 68.35 16.71
CA GLU A 126 2.32 69.43 15.72
C GLU A 126 2.63 70.74 16.37
N TYR A 127 2.08 70.92 17.57
CA TYR A 127 2.31 72.12 18.32
C TYR A 127 3.74 72.18 18.75
N LEU A 128 4.28 71.04 19.16
CA LEU A 128 5.61 71.03 19.70
C LEU A 128 6.53 71.42 18.60
N HIS A 129 6.27 70.88 17.42
CA HIS A 129 7.14 71.13 16.29
C HIS A 129 7.01 72.57 15.90
N GLN A 130 5.77 73.04 15.80
CA GLN A 130 5.54 74.42 15.44
C GLN A 130 6.35 75.33 16.35
N HIS A 131 6.56 74.86 17.57
CA HIS A 131 7.27 75.69 18.53
C HIS A 131 8.71 75.35 18.60
N TRP A 132 9.20 74.76 17.51
CA TRP A 132 10.63 74.44 17.33
C TRP A 132 11.18 73.54 18.42
N ILE A 133 10.35 72.61 18.88
CA ILE A 133 10.75 71.69 19.95
C ILE A 133 10.56 70.25 19.47
N LEU A 134 11.56 69.43 19.67
CA LEU A 134 11.37 67.99 19.47
C LEU A 134 11.11 67.42 20.83
N HIS A 135 10.02 66.71 20.95
CA HIS A 135 9.85 65.89 22.10
C HIS A 135 10.85 64.78 21.83
N ARG A 136 11.76 64.44 22.73
CA ARG A 136 12.80 63.57 22.14
C ARG A 136 12.75 62.16 22.69
N ASP A 137 11.61 61.85 23.29
CA ASP A 137 11.48 60.79 24.26
C ASP A 137 10.03 60.32 24.26
N LEU A 138 9.43 60.13 23.09
CA LEU A 138 8.06 59.63 23.06
C LEU A 138 8.11 58.14 23.18
N LYS A 139 7.15 57.60 23.90
CA LYS A 139 6.91 56.19 24.03
C LYS A 139 5.52 56.15 24.64
N PRO A 140 4.85 55.01 24.66
CA PRO A 140 3.49 54.97 25.21
C PRO A 140 3.41 55.53 26.63
N ASN A 141 4.43 55.38 27.47
CA ASN A 141 4.26 55.92 28.81
C ASN A 141 4.57 57.40 28.93
N ASN A 142 4.72 58.10 27.82
CA ASN A 142 4.80 59.55 27.86
C ASN A 142 3.64 60.21 27.13
N LEU A 143 2.74 59.39 26.62
CA LEU A 143 1.45 59.87 26.15
C LEU A 143 0.46 59.60 27.27
N LEU A 144 0.25 60.60 28.13
CA LEU A 144 -0.62 60.46 29.32
C LEU A 144 -2.11 60.76 29.03
N LEU A 145 -3.01 60.25 29.87
CA LEU A 145 -4.42 60.61 29.71
C LEU A 145 -5.01 61.13 31.01
N ASP A 146 -5.76 62.22 30.95
CA ASP A 146 -6.35 62.77 32.15
C ASP A 146 -7.69 62.11 32.39
N GLU A 147 -8.27 62.29 33.58
CA GLU A 147 -9.65 61.88 33.92
C GLU A 147 -10.60 61.81 32.71
N ASN A 148 -10.62 62.88 31.90
CA ASN A 148 -11.55 62.98 30.77
C ASN A 148 -11.01 62.57 29.44
N GLY A 149 -9.97 61.74 29.44
CA GLY A 149 -9.43 61.20 28.21
C GLY A 149 -8.82 62.22 27.27
N VAL A 150 -8.24 63.28 27.83
CA VAL A 150 -7.41 64.18 27.05
C VAL A 150 -6.03 63.58 27.11
N LEU A 151 -5.45 63.33 25.93
CA LEU A 151 -4.05 62.90 25.82
C LEU A 151 -3.09 64.10 25.83
N LYS A 152 -2.14 64.05 26.73
CA LYS A 152 -1.13 65.07 26.84
C LYS A 152 0.23 64.39 26.66
N LEU A 153 1.20 65.13 26.13
CA LEU A 153 2.56 64.60 25.97
C LEU A 153 3.37 64.90 27.22
N ALA A 154 4.24 63.96 27.60
CA ALA A 154 5.02 64.12 28.80
C ALA A 154 6.09 65.17 28.58
N ASP A 155 6.86 65.48 29.63
CA ASP A 155 7.91 66.48 29.53
C ASP A 155 8.93 66.00 28.52
N PHE A 156 9.29 66.86 27.57
CA PHE A 156 10.22 66.49 26.53
C PHE A 156 11.57 66.06 27.06
N GLY A 157 11.52 64.99 27.84
CA GLY A 157 12.69 64.25 28.29
C GLY A 157 13.56 65.12 29.15
N LEU A 158 14.77 65.39 28.64
CA LEU A 158 15.73 66.31 29.26
C LEU A 158 15.04 67.27 30.26
N ALA A 159 13.77 67.65 30.00
CA ALA A 159 13.02 68.60 30.86
C ALA A 159 13.06 68.09 32.26
N LYS A 160 13.75 66.95 32.38
CA LYS A 160 14.08 66.29 33.61
C LYS A 160 15.03 65.19 33.28
N SER A 161 14.48 64.00 33.08
CA SER A 161 15.20 62.87 32.54
C SER A 161 16.70 63.16 32.44
N PHE A 162 17.20 63.35 31.22
CA PHE A 162 18.64 63.49 30.99
C PHE A 162 19.15 64.92 31.24
N GLY A 163 18.29 65.92 31.07
CA GLY A 163 18.61 67.30 31.42
C GLY A 163 19.48 67.32 32.65
N SER A 164 18.91 67.01 33.82
CA SER A 164 19.65 66.91 35.09
C SER A 164 19.84 65.42 35.50
N PRO A 165 21.04 64.86 35.25
CA PRO A 165 21.14 63.42 34.91
C PRO A 165 21.00 62.33 35.99
N ASN A 166 21.09 62.61 37.30
CA ASN A 166 21.34 61.47 38.22
C ASN A 166 20.14 60.52 38.25
N ARG A 167 20.41 59.28 37.89
CA ARG A 167 19.41 58.27 37.60
C ARG A 167 18.73 57.77 38.87
N ALA A 168 17.47 57.33 38.79
CA ALA A 168 16.70 56.95 40.01
C ALA A 168 17.10 55.62 40.61
N TYR A 169 16.18 55.01 41.35
CA TYR A 169 16.27 53.57 41.60
C TYR A 169 15.00 52.74 41.35
N HIS A 171 13.37 49.38 38.59
CA HIS A 171 13.58 48.13 37.87
C HIS A 171 12.98 48.43 36.50
N GLN A 172 12.12 47.59 35.96
CA GLN A 172 11.35 47.97 34.78
C GLN A 172 12.24 48.14 33.53
N VAL A 173 11.89 47.44 32.44
CA VAL A 173 12.74 47.38 31.22
C VAL A 173 12.91 48.83 30.65
N VAL A 174 13.98 49.11 29.89
CA VAL A 174 14.36 50.50 29.62
C VAL A 174 13.87 51.21 28.33
N THR A 175 13.74 50.54 27.17
CA THR A 175 12.98 51.13 26.00
C THR A 175 13.63 52.21 25.00
N ARG A 176 14.38 51.67 24.03
CA ARG A 176 15.02 52.33 22.90
C ARG A 176 14.25 51.83 21.68
N TRP A 177 13.11 51.23 21.98
CA TRP A 177 12.25 50.59 21.03
C TRP A 177 11.55 51.60 20.11
N TYR A 178 11.79 52.90 20.30
CA TYR A 178 11.13 53.94 19.51
C TYR A 178 12.17 54.83 18.83
N ARG A 179 13.43 54.43 18.89
CA ARG A 179 14.42 55.22 18.27
C ARG A 179 14.25 55.02 16.78
N ALA A 180 14.18 56.12 16.05
CA ALA A 180 14.34 56.08 14.60
C ALA A 180 15.69 55.48 14.20
N PRO A 181 15.77 54.92 13.00
CA PRO A 181 17.00 54.36 12.51
C PRO A 181 18.07 55.39 12.45
N GLU A 182 17.75 56.63 12.12
CA GLU A 182 18.81 57.66 12.05
C GLU A 182 19.54 57.83 13.40
N LEU A 183 18.81 57.69 14.52
CA LEU A 183 19.44 57.84 15.84
C LEU A 183 20.19 56.58 16.24
N LEU A 184 19.77 55.44 15.71
CA LEU A 184 20.42 54.19 16.06
C LEU A 184 21.71 54.10 15.28
N PHE A 185 21.67 54.45 14.01
CA PHE A 185 22.89 54.67 13.27
C PHE A 185 23.67 55.93 13.71
N GLY A 186 23.24 56.54 14.82
CA GLY A 186 23.98 57.62 15.51
C GLY A 186 24.10 58.95 14.80
N ALA A 187 23.04 59.34 14.11
CA ALA A 187 23.04 60.62 13.43
C ALA A 187 23.26 61.66 14.49
N ARG A 188 24.23 62.53 14.28
CA ARG A 188 24.39 63.61 15.23
C ARG A 188 23.58 64.83 14.77
N MET A 189 22.74 64.66 13.74
CA MET A 189 21.72 65.67 13.37
C MET A 189 20.32 65.06 13.10
N TYR A 190 19.30 65.54 13.79
CA TYR A 190 18.00 64.93 13.62
C TYR A 190 16.88 65.98 13.64
N GLY A 191 15.66 65.60 13.30
CA GLY A 191 14.53 66.51 13.41
C GLY A 191 13.19 65.86 13.75
N VAL A 192 12.16 66.44 13.18
CA VAL A 192 10.80 66.00 13.37
C VAL A 192 10.77 64.51 13.22
N GLY A 193 11.36 64.02 12.14
CA GLY A 193 11.36 62.60 11.85
C GLY A 193 11.64 61.76 13.10
N VAL A 194 12.35 62.30 14.07
CA VAL A 194 12.69 61.49 15.25
C VAL A 194 11.41 61.16 15.99
N ASP A 195 10.57 62.17 16.15
CA ASP A 195 9.31 62.02 16.84
C ASP A 195 8.34 61.22 16.02
N MET A 196 8.41 61.39 14.71
CA MET A 196 7.39 60.82 13.88
C MET A 196 7.59 59.35 13.81
N TRP A 197 8.85 58.95 13.89
CA TRP A 197 9.13 57.56 13.98
C TRP A 197 8.59 56.98 15.27
N ALA A 198 8.83 57.63 16.40
CA ALA A 198 8.34 57.10 17.66
C ALA A 198 6.81 56.97 17.57
N VAL A 199 6.14 58.03 17.12
CA VAL A 199 4.69 57.92 16.89
C VAL A 199 4.37 56.69 16.07
N GLY A 200 5.17 56.37 15.06
CA GLY A 200 4.88 55.21 14.27
C GLY A 200 4.89 53.99 15.14
N CYS A 201 5.81 53.98 16.10
CA CYS A 201 5.99 52.85 16.95
C CYS A 201 4.89 52.75 17.91
N ILE A 202 4.30 53.88 18.24
CA ILE A 202 3.29 53.88 19.25
C ILE A 202 2.08 53.32 18.56
N LEU A 203 1.74 53.93 17.43
CA LEU A 203 0.62 53.48 16.61
C LEU A 203 0.70 51.98 16.36
N ALA A 204 1.88 51.48 16.07
CA ALA A 204 2.09 50.03 16.05
C ALA A 204 1.72 49.33 17.38
N GLU A 205 2.32 49.77 18.50
CA GLU A 205 2.06 49.16 19.80
C GLU A 205 0.55 49.04 20.05
N LEU A 206 -0.17 50.16 19.87
CA LEU A 206 -1.60 50.22 19.92
C LEU A 206 -2.25 49.08 19.10
N LEU A 207 -1.90 48.97 17.82
CA LEU A 207 -2.55 48.02 16.93
C LEU A 207 -2.10 46.61 17.25
N LEU A 208 -0.87 46.47 17.73
CA LEU A 208 -0.26 45.16 17.95
C LEU A 208 -0.41 44.74 19.36
N ARG A 209 -0.59 45.70 20.25
CA ARG A 209 -0.63 45.45 21.71
C ARG A 209 0.61 44.85 22.33
N VAL A 210 1.57 44.53 21.48
CA VAL A 210 2.93 44.30 21.97
C VAL A 210 3.85 45.39 21.41
N PRO A 211 4.97 45.63 22.08
CA PRO A 211 6.01 46.47 21.53
C PRO A 211 6.24 46.06 20.09
N PHE A 212 6.29 47.03 19.17
CA PHE A 212 6.45 46.74 17.73
C PHE A 212 7.86 46.25 17.47
N LEU A 213 8.88 46.97 17.91
CA LEU A 213 10.26 46.57 17.64
C LEU A 213 11.13 46.43 18.92
N PRO A 214 10.90 45.37 19.68
CA PRO A 214 11.54 45.22 21.02
C PRO A 214 13.05 44.80 21.02
N GLY A 215 13.96 45.63 20.50
CA GLY A 215 15.37 45.23 20.40
C GLY A 215 16.15 45.19 21.70
N ASP A 216 17.15 44.31 21.78
CA ASP A 216 18.00 44.12 22.98
C ASP A 216 19.11 45.16 23.10
N SER A 217 19.28 45.97 22.07
CA SER A 217 20.49 46.72 21.86
C SER A 217 20.20 47.54 20.63
N ASP A 218 20.91 48.65 20.45
CA ASP A 218 20.73 49.42 19.23
C ASP A 218 20.83 48.52 18.02
N LEU A 219 21.88 47.70 17.95
CA LEU A 219 22.09 46.84 16.78
C LEU A 219 20.94 45.83 16.52
N ASP A 220 20.53 45.14 17.57
CA ASP A 220 19.33 44.30 17.54
C ASP A 220 18.15 45.13 17.12
N GLN A 221 18.03 46.33 17.66
CA GLN A 221 16.93 47.21 17.32
C GLN A 221 16.93 47.56 15.83
N LEU A 222 18.09 47.94 15.31
CA LEU A 222 18.19 48.10 13.88
C LEU A 222 17.78 46.82 13.14
N THR A 223 18.15 45.64 13.65
CA THR A 223 17.74 44.42 12.95
C THR A 223 16.23 44.35 12.83
N ARG A 224 15.53 44.47 13.95
CA ARG A 224 14.09 44.35 13.95
C ARG A 224 13.40 45.41 13.06
N ILE A 225 13.95 46.62 13.06
CA ILE A 225 13.52 47.63 12.11
C ILE A 225 13.61 47.13 10.66
N PHE A 226 14.77 46.57 10.28
CA PHE A 226 14.99 46.17 8.89
C PHE A 226 14.32 44.89 8.45
N GLU A 227 14.26 43.89 9.31
CA GLU A 227 13.60 42.64 8.92
C GLU A 227 12.07 42.77 8.88
N THR A 228 11.56 43.72 9.68
CA THR A 228 10.15 44.13 9.59
C THR A 228 9.92 45.03 8.40
N LEU A 229 10.59 46.17 8.38
CA LEU A 229 10.23 47.21 7.43
C LEU A 229 10.90 47.04 6.07
N GLY A 230 11.88 46.15 6.00
CA GLY A 230 12.72 45.97 4.82
C GLY A 230 14.00 46.75 5.02
N THR A 231 15.09 46.33 4.40
CA THR A 231 16.29 47.15 4.38
C THR A 231 16.11 48.26 3.35
N PRO A 232 16.38 49.49 3.74
CA PRO A 232 16.18 50.61 2.86
C PRO A 232 17.25 50.63 1.77
N THR A 233 16.83 50.81 0.53
CA THR A 233 17.78 50.94 -0.59
C THR A 233 18.37 52.32 -0.49
N GLU A 234 19.31 52.65 -1.37
CA GLU A 234 19.77 54.05 -1.42
C GLU A 234 18.66 54.93 -2.08
N GLU A 235 17.89 54.33 -2.97
CA GLU A 235 16.70 54.99 -3.51
C GLU A 235 15.75 55.42 -2.39
N GLN A 236 15.42 54.51 -1.47
CA GLN A 236 14.52 54.82 -0.32
C GLN A 236 15.11 55.86 0.63
N TRP A 237 16.15 55.50 1.37
CA TRP A 237 16.93 56.42 2.20
C TRP A 237 18.19 56.76 1.45
N PRO A 238 18.36 58.02 1.05
CA PRO A 238 19.62 58.43 0.48
C PRO A 238 20.49 59.01 1.64
N ASP A 239 21.80 58.82 1.54
CA ASP A 239 22.70 59.37 2.55
C ASP A 239 22.72 58.41 3.74
N MET A 240 21.92 57.35 3.65
CA MET A 240 21.84 56.31 4.69
C MET A 240 23.17 55.71 5.20
N CYS A 241 24.19 55.72 4.35
CA CYS A 241 25.42 54.95 4.57
C CYS A 241 26.47 55.69 5.34
N SER A 242 26.44 57.00 5.18
CA SER A 242 27.46 57.89 5.69
C SER A 242 27.07 58.29 7.10
N LEU A 243 25.89 57.82 7.51
CA LEU A 243 25.44 57.85 8.90
C LEU A 243 26.57 57.35 9.76
N PRO A 244 26.94 58.09 10.80
CA PRO A 244 28.10 57.75 11.63
C PRO A 244 28.22 56.27 12.05
N ASP A 245 27.20 55.67 12.65
CA ASP A 245 27.32 54.28 13.14
C ASP A 245 26.78 53.25 12.14
N TYR A 246 26.60 53.65 10.90
CA TYR A 246 26.10 52.74 9.91
C TYR A 246 27.01 51.56 9.73
N VAL A 247 26.40 50.37 9.70
CA VAL A 247 27.06 49.10 9.47
C VAL A 247 26.08 48.30 8.63
N THR A 248 26.59 47.40 7.78
CA THR A 248 25.83 46.84 6.68
C THR A 248 24.87 45.75 7.16
N PHE A 249 23.69 45.70 6.53
CA PHE A 249 22.66 44.69 6.84
C PHE A 249 22.28 43.79 5.67
N LYS A 250 22.08 42.51 5.98
CA LYS A 250 21.40 41.59 5.08
C LYS A 250 20.25 42.37 4.52
N SER A 251 19.95 42.16 3.26
CA SER A 251 18.97 42.99 2.60
C SER A 251 17.57 42.35 2.67
N PHE A 252 16.88 42.63 3.78
CA PHE A 252 15.59 42.02 4.11
C PHE A 252 14.50 42.59 3.23
N PRO A 253 13.51 41.77 2.89
CA PRO A 253 12.51 42.21 1.94
C PRO A 253 11.43 42.94 2.71
N GLY A 254 11.38 42.73 4.03
CA GLY A 254 10.34 43.30 4.86
C GLY A 254 8.94 42.73 4.63
N ILE A 255 8.08 42.92 5.62
CA ILE A 255 6.76 42.36 5.60
C ILE A 255 5.87 43.50 5.16
N PRO A 256 4.93 43.24 4.24
CA PRO A 256 4.08 44.31 3.72
C PRO A 256 3.22 44.76 4.88
N LEU A 257 3.08 46.06 5.09
CA LEU A 257 2.42 46.51 6.30
C LEU A 257 1.13 45.74 6.55
N HIS A 258 0.40 45.44 5.48
CA HIS A 258 -0.89 44.82 5.65
C HIS A 258 -0.76 43.44 6.21
N HIS A 259 0.38 42.81 6.07
CA HIS A 259 0.67 41.55 6.75
C HIS A 259 1.13 41.76 8.20
N ILE A 260 1.66 42.92 8.54
CA ILE A 260 2.03 43.15 9.93
C ILE A 260 0.78 43.53 10.68
N PHE A 261 -0.04 44.37 10.01
CA PHE A 261 -1.27 44.96 10.58
C PHE A 261 -2.53 44.54 9.83
N SER A 262 -2.99 43.34 10.12
CA SER A 262 -4.23 42.79 9.58
C SER A 262 -5.42 43.73 9.88
N ALA A 263 -5.49 44.16 11.13
CA ALA A 263 -6.53 45.08 11.57
C ALA A 263 -6.63 46.30 10.68
N ALA A 264 -5.51 46.74 10.14
CA ALA A 264 -5.41 48.04 9.53
C ALA A 264 -6.19 48.20 8.22
N GLY A 265 -6.84 49.34 8.09
CA GLY A 265 -7.39 49.77 6.83
C GLY A 265 -6.34 50.51 6.03
N ASP A 266 -6.62 50.71 4.75
CA ASP A 266 -5.67 51.26 3.81
C ASP A 266 -5.31 52.68 4.19
N ASP A 267 -6.32 53.42 4.62
CA ASP A 267 -6.10 54.78 5.07
C ASP A 267 -5.10 54.88 6.23
N LEU A 268 -5.18 53.93 7.16
CA LEU A 268 -4.29 53.89 8.33
C LEU A 268 -2.92 53.38 7.92
N LEU A 269 -2.95 52.30 7.14
CA LEU A 269 -1.79 51.74 6.52
C LEU A 269 -0.97 52.85 5.88
N ASP A 270 -1.64 53.84 5.29
CA ASP A 270 -0.96 54.95 4.64
C ASP A 270 -0.30 55.91 5.60
N LEU A 271 -0.88 56.05 6.79
CA LEU A 271 -0.24 56.81 7.83
C LEU A 271 0.93 56.00 8.42
N ILE A 272 0.74 54.74 8.76
CA ILE A 272 1.87 53.92 9.19
C ILE A 272 3.02 54.06 8.17
N GLN A 273 2.65 54.01 6.89
CA GLN A 273 3.55 54.16 5.75
C GLN A 273 4.43 55.35 5.96
N GLY A 274 3.81 56.52 5.97
CA GLY A 274 4.55 57.76 6.07
C GLY A 274 5.42 57.87 7.31
N LEU A 275 4.91 57.39 8.46
CA LEU A 275 5.65 57.53 9.72
C LEU A 275 6.91 56.71 9.69
N PHE A 276 6.89 55.59 8.98
CA PHE A 276 8.05 54.74 8.94
C PHE A 276 8.95 54.95 7.74
N LEU A 277 8.67 55.88 6.84
CA LEU A 277 9.58 56.08 5.75
C LEU A 277 10.92 56.26 6.41
N PHE A 278 11.99 55.74 5.79
CA PHE A 278 13.29 55.71 6.46
C PHE A 278 13.95 57.04 6.37
N ASN A 279 13.79 57.66 5.24
CA ASN A 279 14.51 58.88 5.02
C ASN A 279 13.84 59.92 5.90
N PRO A 280 14.52 60.41 6.94
CA PRO A 280 13.86 61.33 7.86
C PRO A 280 13.11 62.51 7.20
N CYS A 281 13.46 62.93 6.00
CA CYS A 281 12.69 64.00 5.33
C CYS A 281 11.43 63.52 4.66
N ALA A 282 11.51 62.37 3.99
CA ALA A 282 10.33 61.85 3.34
C ALA A 282 9.28 61.58 4.42
N ARG A 283 9.78 61.33 5.64
CA ARG A 283 8.98 60.91 6.79
C ARG A 283 7.96 61.95 7.13
N ILE A 284 6.72 61.50 7.27
CA ILE A 284 5.57 62.39 7.42
C ILE A 284 5.82 63.33 8.59
N THR A 285 5.30 64.56 8.46
CA THR A 285 5.32 65.52 9.58
C THR A 285 3.99 65.48 10.28
N ALA A 286 3.98 65.96 11.52
CA ALA A 286 2.80 65.89 12.34
C ALA A 286 1.63 66.59 11.68
N THR A 287 1.86 67.76 11.08
CA THR A 287 0.79 68.42 10.30
C THR A 287 0.33 67.53 9.16
N GLN A 288 1.26 67.01 8.38
CA GLN A 288 0.89 66.31 7.16
C GLN A 288 0.13 65.07 7.48
N ALA A 289 0.55 64.45 8.57
CA ALA A 289 -0.11 63.32 9.16
C ALA A 289 -1.52 63.69 9.44
N LEU A 290 -1.70 64.74 10.21
CA LEU A 290 -3.01 65.19 10.59
C LEU A 290 -3.97 65.38 9.39
N LYS A 291 -3.45 65.87 8.26
CA LYS A 291 -4.31 66.19 7.12
C LYS A 291 -4.64 64.97 6.31
N MET A 292 -4.14 63.82 6.72
CA MET A 292 -4.33 62.59 5.99
C MET A 292 -5.73 62.08 6.12
N LYS A 293 -6.17 61.24 5.19
CA LYS A 293 -7.54 60.71 5.21
C LYS A 293 -7.83 60.09 6.56
N TYR A 294 -6.88 59.36 7.12
CA TYR A 294 -7.17 58.66 8.37
C TYR A 294 -8.00 59.50 9.33
N PHE A 295 -7.65 60.76 9.48
CA PHE A 295 -8.26 61.57 10.50
C PHE A 295 -9.50 62.34 10.02
N SER A 296 -9.94 62.05 8.81
CA SER A 296 -11.19 62.61 8.29
C SER A 296 -12.13 61.49 7.90
N ASN A 297 -11.59 60.40 7.38
CA ASN A 297 -12.29 59.14 7.19
C ASN A 297 -13.12 58.61 8.34
N ARG A 298 -13.99 57.67 7.99
CA ARG A 298 -15.29 57.61 8.61
C ARG A 298 -15.42 57.12 9.99
N PRO A 299 -14.74 56.04 10.39
CA PRO A 299 -14.75 55.73 11.84
C PRO A 299 -13.94 56.84 12.50
N GLY A 300 -14.63 57.89 12.96
CA GLY A 300 -13.97 59.08 13.51
C GLY A 300 -13.39 58.77 14.89
N PRO A 301 -12.60 59.66 15.46
CA PRO A 301 -12.05 59.45 16.79
C PRO A 301 -13.13 59.35 17.92
N THR A 302 -12.98 58.35 18.80
CA THR A 302 -13.94 58.19 19.88
C THR A 302 -13.74 59.31 20.85
N PRO A 303 -14.86 59.94 21.22
CA PRO A 303 -14.86 61.29 21.81
C PRO A 303 -14.09 61.44 23.13
N GLY A 304 -13.85 60.32 23.80
CA GLY A 304 -12.71 60.33 24.67
C GLY A 304 -12.95 60.63 26.12
N CYS A 305 -14.15 60.34 26.56
CA CYS A 305 -14.36 59.85 27.90
C CYS A 305 -15.07 58.58 27.55
N GLN A 306 -15.51 58.50 26.31
CA GLN A 306 -15.79 57.21 25.73
C GLN A 306 -14.49 56.41 25.62
N LEU A 307 -13.37 57.09 25.77
CA LEU A 307 -12.05 56.49 25.70
C LEU A 307 -11.77 55.71 26.97
N PRO A 308 -11.48 54.41 26.82
CA PRO A 308 -11.47 53.47 27.94
C PRO A 308 -10.35 53.67 28.94
N ARG A 309 -10.73 53.72 30.22
CA ARG A 309 -9.78 53.73 31.33
C ARG A 309 -9.47 52.33 31.84
N PRO A 310 -8.24 52.12 32.33
CA PRO A 310 -7.91 50.92 33.08
C PRO A 310 -8.32 51.07 34.52
N ASN A 311 -8.25 49.98 35.26
CA ASN A 311 -8.83 49.85 36.61
C ASN A 311 -8.25 50.80 37.65
N GLU B 13 -23.10 -16.60 -1.57
CA GLU B 13 -23.87 -15.57 -0.79
C GLU B 13 -23.00 -14.87 0.26
N LYS B 14 -22.51 -13.67 -0.05
CA LYS B 14 -21.51 -12.98 0.76
C LYS B 14 -21.94 -12.66 2.18
N LEU B 15 -22.83 -13.51 2.72
CA LEU B 15 -23.36 -13.40 4.10
C LEU B 15 -22.82 -12.20 4.87
N ASP B 16 -21.60 -12.32 5.40
CA ASP B 16 -20.98 -11.23 6.15
C ASP B 16 -19.57 -10.93 5.59
N PHE B 17 -18.68 -10.45 6.46
CA PHE B 17 -17.26 -10.17 6.13
C PHE B 17 -16.43 -10.49 7.37
N LEU B 18 -15.38 -11.30 7.21
CA LEU B 18 -14.56 -11.74 8.35
C LEU B 18 -13.19 -11.09 8.53
N GLY B 19 -12.69 -10.39 7.52
CA GLY B 19 -11.40 -9.71 7.62
C GLY B 19 -10.52 -10.10 6.46
N GLU B 20 -9.39 -9.42 6.29
CA GLU B 20 -8.42 -9.84 5.27
C GLU B 20 -7.23 -10.54 5.86
N GLY B 21 -6.47 -11.19 5.02
CA GLY B 21 -5.26 -11.84 5.46
C GLY B 21 -4.12 -11.50 4.54
N GLN B 22 -2.91 -11.81 5.00
CA GLN B 22 -1.70 -11.70 4.21
C GLN B 22 -1.95 -11.56 2.71
N PHE B 23 -2.52 -12.59 2.10
CA PHE B 23 -2.69 -12.63 0.66
C PHE B 23 -4.13 -12.92 0.32
N ALA B 24 -5.06 -12.41 1.12
CA ALA B 24 -6.46 -12.80 1.00
C ALA B 24 -7.47 -11.91 1.74
N THR B 25 -8.72 -11.98 1.30
CA THR B 25 -9.84 -11.24 1.90
C THR B 25 -11.01 -12.22 2.11
N VAL B 26 -11.55 -12.26 3.33
CA VAL B 26 -12.32 -13.42 3.77
C VAL B 26 -13.73 -13.11 4.26
N TYR B 27 -14.70 -13.82 3.66
CA TYR B 27 -16.13 -13.62 3.89
C TYR B 27 -16.73 -14.87 4.55
N LYS B 28 -17.72 -14.66 5.40
CA LYS B 28 -18.59 -15.75 5.83
C LYS B 28 -19.45 -16.05 4.61
N ALA B 29 -20.33 -17.05 4.72
CA ALA B 29 -21.33 -17.36 3.68
C ALA B 29 -22.00 -18.72 3.84
N ARG B 30 -23.28 -18.78 3.47
CA ARG B 30 -23.84 -20.03 2.97
C ARG B 30 -23.64 -19.97 1.48
N ASP B 31 -22.86 -20.93 0.99
CA ASP B 31 -22.22 -20.90 -0.34
C ASP B 31 -23.28 -20.69 -1.42
N LYS B 32 -22.84 -20.18 -2.58
CA LYS B 32 -23.56 -20.39 -3.84
C LYS B 32 -24.27 -21.76 -3.73
N ASN B 33 -25.53 -21.73 -3.22
CA ASN B 33 -26.46 -22.89 -2.89
C ASN B 33 -26.68 -23.25 -1.38
N THR B 34 -25.73 -23.97 -0.76
CA THR B 34 -25.98 -24.74 0.48
C THR B 34 -26.13 -23.95 1.77
N ASN B 35 -27.27 -24.20 2.41
CA ASN B 35 -27.50 -24.16 3.87
C ASN B 35 -26.28 -23.88 4.79
N GLN B 36 -25.42 -24.90 4.90
CA GLN B 36 -23.97 -24.81 5.16
C GLN B 36 -23.33 -23.43 5.33
N ILE B 37 -23.09 -23.01 6.57
CA ILE B 37 -22.31 -21.79 6.80
C ILE B 37 -20.83 -22.10 6.63
N VAL B 38 -20.16 -21.22 5.91
CA VAL B 38 -18.87 -21.53 5.35
C VAL B 38 -18.04 -20.29 5.07
N ALA B 39 -16.75 -20.36 5.41
CA ALA B 39 -15.80 -19.28 5.11
C ALA B 39 -15.25 -19.41 3.69
N ILE B 40 -15.36 -18.33 2.92
CA ILE B 40 -14.76 -18.31 1.60
C ILE B 40 -13.55 -17.41 1.63
N LYS B 41 -12.48 -17.85 0.99
CA LYS B 41 -11.27 -17.04 0.83
C LYS B 41 -11.19 -16.52 -0.61
N LYS B 42 -11.20 -15.20 -0.78
CA LYS B 42 -11.16 -14.57 -2.09
C LYS B 42 -9.76 -14.13 -2.52
N ILE B 43 -9.44 -14.32 -3.80
CA ILE B 43 -8.11 -14.01 -4.36
C ILE B 43 -8.09 -12.85 -5.39
N ASN B 56 -2.62 -22.42 -12.28
CA ASN B 56 -1.22 -22.17 -11.94
C ASN B 56 -0.51 -23.42 -11.44
N ARG B 57 -0.68 -24.52 -12.16
CA ARG B 57 -0.17 -25.88 -11.84
C ARG B 57 -0.10 -26.17 -10.34
N THR B 58 0.94 -25.62 -9.70
CA THR B 58 1.08 -25.58 -8.24
C THR B 58 -0.23 -25.15 -7.60
N ALA B 59 -1.09 -24.51 -8.41
CA ALA B 59 -2.47 -24.23 -8.02
C ALA B 59 -3.22 -25.53 -7.72
N LEU B 60 -3.77 -26.15 -8.77
CA LEU B 60 -4.70 -27.27 -8.61
C LEU B 60 -4.18 -28.42 -7.74
N ARG B 61 -2.86 -28.61 -7.71
CA ARG B 61 -2.24 -29.60 -6.82
C ARG B 61 -2.56 -29.23 -5.38
N GLU B 62 -1.92 -28.16 -4.89
CA GLU B 62 -1.98 -27.79 -3.47
C GLU B 62 -3.41 -27.54 -3.00
N ILE B 63 -4.27 -27.18 -3.96
CA ILE B 63 -5.70 -27.13 -3.75
C ILE B 63 -6.24 -28.55 -3.61
N LYS B 64 -6.04 -29.40 -4.61
CA LYS B 64 -6.50 -30.80 -4.52
C LYS B 64 -5.92 -31.59 -3.35
N LEU B 65 -4.73 -31.19 -2.92
CA LEU B 65 -4.04 -31.80 -1.81
C LEU B 65 -4.85 -31.60 -0.55
N LEU B 66 -5.45 -30.42 -0.43
CA LEU B 66 -6.10 -30.06 0.79
C LEU B 66 -7.45 -30.75 0.84
N GLN B 67 -8.11 -30.72 -0.32
CA GLN B 67 -9.39 -31.35 -0.54
C GLN B 67 -9.33 -32.77 -0.09
N GLU B 68 -8.26 -33.46 -0.47
CA GLU B 68 -8.12 -34.90 -0.24
C GLU B 68 -7.79 -35.21 1.20
N LEU B 69 -7.00 -34.33 1.81
CA LEU B 69 -6.68 -34.36 3.22
C LEU B 69 -7.97 -34.48 3.99
N SER B 70 -8.00 -35.40 4.93
CA SER B 70 -9.20 -35.59 5.74
C SER B 70 -8.86 -35.97 7.15
N HIS B 71 -9.04 -35.03 8.06
CA HIS B 71 -8.66 -35.25 9.44
C HIS B 71 -9.31 -34.25 10.35
N PRO B 72 -9.81 -34.68 11.51
CA PRO B 72 -10.61 -33.80 12.37
C PRO B 72 -9.99 -32.45 12.56
N ASN B 73 -8.65 -32.41 12.66
CA ASN B 73 -7.89 -31.21 13.01
C ASN B 73 -7.16 -30.55 11.84
N ILE B 74 -7.59 -30.89 10.62
CA ILE B 74 -7.24 -30.15 9.42
C ILE B 74 -8.50 -29.50 8.86
N ILE B 75 -8.35 -28.24 8.47
CA ILE B 75 -9.43 -27.51 7.83
C ILE B 75 -9.94 -28.31 6.64
N GLY B 76 -11.25 -28.20 6.39
CA GLY B 76 -11.83 -28.75 5.20
C GLY B 76 -11.72 -27.67 4.15
N LEU B 77 -11.06 -27.99 3.04
CA LEU B 77 -11.34 -27.26 1.82
C LEU B 77 -12.63 -27.88 1.32
N LEU B 78 -13.63 -27.05 1.07
CA LEU B 78 -14.92 -27.56 0.61
C LEU B 78 -15.07 -27.52 -0.90
N ASP B 79 -14.79 -26.36 -1.50
CA ASP B 79 -14.36 -26.33 -2.90
C ASP B 79 -13.62 -25.03 -3.27
N ALA B 80 -13.02 -25.04 -4.47
CA ALA B 80 -12.41 -23.85 -5.05
C ALA B 80 -13.12 -23.60 -6.36
N PHE B 81 -13.54 -22.36 -6.61
CA PHE B 81 -14.21 -22.13 -7.87
C PHE B 81 -13.58 -21.08 -8.79
N GLY B 82 -13.20 -19.94 -8.20
CA GLY B 82 -12.75 -18.72 -8.93
C GLY B 82 -12.86 -18.54 -10.45
N HIS B 83 -12.96 -17.28 -10.89
CA HIS B 83 -12.69 -16.96 -12.30
C HIS B 83 -11.29 -16.30 -12.49
N LYS B 84 -10.77 -16.37 -13.72
CA LYS B 84 -9.42 -15.89 -14.05
C LYS B 84 -9.13 -14.43 -13.62
N SER B 85 -10.07 -13.82 -12.88
CA SER B 85 -9.80 -12.54 -12.22
C SER B 85 -9.42 -12.73 -10.73
N ASN B 86 -10.21 -13.53 -10.01
CA ASN B 86 -9.95 -13.85 -8.60
C ASN B 86 -10.30 -15.31 -8.38
N ILE B 87 -9.41 -16.06 -7.73
CA ILE B 87 -9.69 -17.46 -7.34
C ILE B 87 -10.34 -17.48 -5.96
N SER B 88 -11.26 -18.41 -5.69
CA SER B 88 -11.88 -18.45 -4.34
C SER B 88 -12.05 -19.83 -3.62
N LEU B 89 -11.59 -19.89 -2.37
CA LEU B 89 -11.57 -21.11 -1.59
C LEU B 89 -12.56 -21.16 -0.45
N VAL B 90 -13.30 -22.26 -0.42
CA VAL B 90 -14.33 -22.51 0.57
C VAL B 90 -13.81 -23.48 1.67
N PHE B 91 -13.65 -22.98 2.88
CA PHE B 91 -13.29 -23.83 4.04
C PHE B 91 -14.46 -23.85 4.97
N ASP B 92 -14.53 -24.82 5.86
CA ASP B 92 -15.56 -24.77 6.89
C ASP B 92 -15.35 -23.51 7.69
N PHE B 93 -16.40 -23.04 8.35
CA PHE B 93 -16.25 -21.78 9.01
C PHE B 93 -15.90 -22.03 10.46
N MET B 94 -14.86 -21.34 10.91
CA MET B 94 -14.27 -21.52 12.22
C MET B 94 -14.44 -20.29 13.13
N GLU B 95 -15.31 -20.40 14.13
CA GLU B 95 -15.53 -19.39 15.19
C GLU B 95 -14.47 -18.32 15.26
N THR B 96 -13.37 -18.69 15.88
CA THR B 96 -12.20 -17.84 15.96
C THR B 96 -10.96 -18.72 15.76
N ASP B 97 -9.95 -18.41 16.55
CA ASP B 97 -8.65 -19.04 16.46
C ASP B 97 -7.89 -18.77 17.75
N LEU B 98 -6.65 -19.25 17.78
CA LEU B 98 -5.80 -19.09 18.93
C LEU B 98 -5.27 -17.69 19.10
N GLU B 99 -5.08 -16.94 18.02
CA GLU B 99 -4.66 -15.55 18.20
C GLU B 99 -5.71 -14.97 19.13
N VAL B 100 -6.97 -15.14 18.76
CA VAL B 100 -8.06 -14.60 19.56
C VAL B 100 -8.08 -15.15 21.00
N ILE B 101 -8.10 -16.47 21.15
CA ILE B 101 -8.15 -17.07 22.49
C ILE B 101 -6.98 -16.67 23.41
N ILE B 102 -5.80 -16.46 22.83
CA ILE B 102 -4.59 -16.15 23.58
C ILE B 102 -4.64 -14.67 23.86
N LYS B 103 -4.47 -13.89 22.80
CA LYS B 103 -4.16 -12.47 22.96
C LYS B 103 -5.37 -11.73 23.44
N ASP B 104 -5.10 -10.53 23.96
CA ASP B 104 -5.88 -9.95 25.07
C ASP B 104 -7.33 -10.48 25.18
N ASN B 105 -7.45 -11.82 25.23
CA ASN B 105 -8.63 -12.44 25.78
C ASN B 105 -8.33 -12.96 27.20
N SER B 106 -7.97 -12.01 28.06
CA SER B 106 -7.84 -12.24 29.47
C SER B 106 -9.27 -12.38 29.99
N LEU B 107 -10.25 -12.07 29.13
CA LEU B 107 -11.64 -12.49 29.36
C LEU B 107 -11.58 -13.97 29.70
N VAL B 108 -11.10 -14.77 28.74
CA VAL B 108 -10.86 -16.18 28.97
C VAL B 108 -9.58 -16.38 29.82
N LEU B 109 -9.46 -17.54 30.46
CA LEU B 109 -8.29 -17.90 31.25
C LEU B 109 -8.07 -19.39 31.05
N THR B 110 -6.82 -19.77 30.85
CA THR B 110 -6.56 -21.00 30.09
C THR B 110 -5.47 -21.89 30.76
N PRO B 111 -5.88 -22.95 31.47
CA PRO B 111 -4.96 -24.00 31.97
C PRO B 111 -5.41 -25.45 31.63
N SER B 112 -4.49 -26.36 31.21
CA SER B 112 -4.90 -27.75 30.87
C SER B 112 -5.97 -27.81 29.78
N HIS B 113 -6.48 -26.63 29.43
CA HIS B 113 -7.15 -26.41 28.18
C HIS B 113 -6.03 -26.51 27.15
N ILE B 114 -4.84 -26.05 27.56
CA ILE B 114 -3.66 -26.19 26.74
C ILE B 114 -3.48 -27.64 26.32
N LYS B 115 -3.31 -28.53 27.30
CA LYS B 115 -3.24 -29.95 26.99
C LYS B 115 -4.13 -30.28 25.80
N ALA B 116 -5.34 -29.75 25.82
CA ALA B 116 -6.31 -30.08 24.78
C ALA B 116 -5.88 -29.45 23.47
N TYR B 117 -5.63 -28.15 23.48
CA TYR B 117 -5.25 -27.41 22.30
C TYR B 117 -4.04 -28.03 21.69
N MET B 118 -3.11 -28.43 22.54
CA MET B 118 -1.89 -29.02 22.06
C MET B 118 -2.19 -30.39 21.51
N LEU B 119 -2.95 -31.18 22.26
CA LEU B 119 -3.35 -32.47 21.76
C LEU B 119 -3.87 -32.41 20.33
N MET B 120 -4.84 -31.55 20.04
CA MET B 120 -5.39 -31.52 18.68
C MET B 120 -4.39 -30.98 17.66
N THR B 121 -3.93 -29.75 17.88
CA THR B 121 -2.82 -29.21 17.09
C THR B 121 -1.84 -30.25 16.61
N LEU B 122 -1.34 -31.06 17.52
CA LEU B 122 -0.35 -32.04 17.14
C LEU B 122 -0.95 -33.20 16.36
N GLN B 123 -2.17 -33.62 16.67
CA GLN B 123 -2.70 -34.78 15.97
C GLN B 123 -2.86 -34.33 14.56
N GLY B 124 -3.27 -33.08 14.43
CA GLY B 124 -3.51 -32.52 13.12
C GLY B 124 -2.19 -32.60 12.43
N LEU B 125 -1.17 -32.13 13.11
CA LEU B 125 0.13 -32.01 12.54
C LEU B 125 0.74 -33.37 12.31
N GLU B 126 0.42 -34.29 13.19
CA GLU B 126 1.05 -35.57 13.09
C GLU B 126 0.58 -36.30 11.88
N TYR B 127 -0.51 -35.83 11.28
CA TYR B 127 -1.25 -36.51 10.22
C TYR B 127 -0.77 -35.92 8.94
N LEU B 128 -0.72 -34.62 8.98
CA LEU B 128 -0.14 -33.83 7.96
C LEU B 128 1.26 -34.30 7.69
N HIS B 129 2.08 -34.38 8.73
CA HIS B 129 3.42 -34.90 8.55
C HIS B 129 3.49 -36.36 8.10
N GLN B 130 2.61 -37.21 8.61
CA GLN B 130 2.64 -38.56 8.14
C GLN B 130 2.09 -38.64 6.70
N HIS B 131 1.56 -37.53 6.19
CA HIS B 131 1.26 -37.48 4.78
C HIS B 131 2.27 -36.71 3.97
N TRP B 132 3.47 -36.53 4.52
CA TRP B 132 4.55 -35.84 3.81
C TRP B 132 4.20 -34.39 3.41
N ILE B 133 3.39 -33.74 4.24
CA ILE B 133 3.16 -32.35 4.03
C ILE B 133 3.73 -31.62 5.21
N LEU B 134 4.51 -30.60 4.90
CA LEU B 134 4.88 -29.64 5.90
C LEU B 134 3.80 -28.56 5.91
N HIS B 135 3.39 -28.17 7.10
CA HIS B 135 2.47 -27.09 7.22
C HIS B 135 3.22 -25.78 7.35
N ARG B 136 4.11 -25.47 6.43
CA ARG B 136 5.22 -24.60 6.83
C ARG B 136 4.88 -23.21 7.42
N ASP B 137 3.61 -22.82 7.48
CA ASP B 137 3.32 -21.54 8.13
C ASP B 137 2.25 -21.65 9.22
N LEU B 138 2.72 -21.99 10.43
CA LEU B 138 1.91 -22.33 11.61
C LEU B 138 2.13 -21.27 12.69
N LYS B 139 1.05 -20.62 13.11
CA LYS B 139 1.03 -19.58 14.16
C LYS B 139 -0.40 -19.53 14.71
N PRO B 140 -0.65 -18.96 15.92
CA PRO B 140 -1.99 -18.94 16.53
C PRO B 140 -3.13 -18.49 15.63
N ASN B 141 -2.91 -17.46 14.80
CA ASN B 141 -3.76 -17.15 13.62
C ASN B 141 -4.23 -18.39 12.83
N ASN B 142 -3.35 -19.35 12.64
CA ASN B 142 -3.58 -20.46 11.73
C ASN B 142 -4.05 -21.72 12.40
N LEU B 143 -4.11 -21.67 13.72
CA LEU B 143 -4.78 -22.73 14.46
C LEU B 143 -6.15 -22.20 14.66
N LEU B 144 -7.05 -22.52 13.75
CA LEU B 144 -8.38 -21.99 13.86
C LEU B 144 -9.09 -22.90 14.84
N LEU B 145 -10.15 -22.40 15.46
CA LEU B 145 -10.98 -23.22 16.36
C LEU B 145 -12.45 -23.17 15.98
N ASP B 146 -13.19 -24.24 16.24
CA ASP B 146 -14.55 -24.25 15.74
C ASP B 146 -15.60 -24.18 16.85
N GLU B 147 -16.87 -24.13 16.46
CA GLU B 147 -18.01 -24.04 17.39
C GLU B 147 -17.88 -24.96 18.59
N ASN B 148 -17.33 -26.16 18.32
CA ASN B 148 -17.31 -27.33 19.21
C ASN B 148 -16.01 -27.62 19.98
N GLY B 149 -15.00 -26.77 19.82
CA GLY B 149 -13.69 -27.04 20.41
C GLY B 149 -12.91 -28.03 19.55
N VAL B 150 -12.93 -27.82 18.24
CA VAL B 150 -11.99 -28.54 17.40
C VAL B 150 -11.01 -27.59 16.80
N LEU B 151 -9.78 -27.74 17.25
CA LEU B 151 -8.64 -27.02 16.74
C LEU B 151 -8.43 -27.59 15.34
N LYS B 152 -8.27 -26.72 14.35
CA LYS B 152 -8.05 -27.17 12.99
C LYS B 152 -6.92 -26.36 12.41
N LEU B 153 -5.96 -27.02 11.77
CA LEU B 153 -4.84 -26.30 11.20
C LEU B 153 -5.35 -25.62 9.97
N ALA B 154 -4.75 -24.50 9.65
CA ALA B 154 -5.14 -23.73 8.50
C ALA B 154 -4.48 -24.29 7.26
N ASP B 155 -4.51 -23.53 6.18
CA ASP B 155 -3.77 -23.83 4.96
C ASP B 155 -2.41 -24.29 5.33
N PHE B 156 -1.98 -25.35 4.67
CA PHE B 156 -0.61 -25.77 4.79
C PHE B 156 0.25 -24.87 3.87
N GLY B 157 -0.25 -23.67 3.67
CA GLY B 157 0.59 -22.57 3.33
C GLY B 157 0.08 -21.90 2.11
N LEU B 158 0.91 -21.95 1.07
CA LEU B 158 0.62 -21.36 -0.24
C LEU B 158 -0.71 -21.89 -0.80
N ALA B 159 -1.30 -22.87 -0.07
CA ALA B 159 -2.58 -23.53 -0.41
C ALA B 159 -3.60 -22.48 -0.68
N LYS B 160 -3.28 -21.27 -0.19
CA LYS B 160 -3.75 -20.02 -0.77
C LYS B 160 -2.66 -18.95 -0.75
N SER B 161 -2.45 -18.38 0.44
CA SER B 161 -1.66 -17.16 0.65
C SER B 161 -0.61 -16.91 -0.43
N PHE B 162 0.55 -17.54 -0.27
CA PHE B 162 1.70 -17.29 -1.11
C PHE B 162 1.57 -17.98 -2.47
N GLY B 163 0.64 -18.91 -2.60
CA GLY B 163 0.44 -19.65 -3.84
C GLY B 163 -0.25 -18.89 -4.96
N SER B 164 -1.25 -18.06 -4.62
CA SER B 164 -2.12 -17.42 -5.63
C SER B 164 -1.91 -15.89 -5.90
N PRO B 165 -2.59 -14.95 -5.20
CA PRO B 165 -2.62 -13.52 -5.64
C PRO B 165 -1.67 -12.55 -4.89
N ASN B 166 -1.70 -11.30 -5.32
CA ASN B 166 -0.78 -10.27 -4.82
C ASN B 166 -0.74 -10.15 -3.29
N ARG B 167 -1.48 -9.21 -2.72
CA ARG B 167 -1.52 -9.04 -1.28
C ARG B 167 -2.76 -8.22 -0.97
N ALA B 168 -3.65 -8.76 -0.13
CA ALA B 168 -4.82 -8.01 0.32
C ALA B 168 -4.35 -6.83 1.16
N TYR B 169 -5.29 -6.06 1.68
CA TYR B 169 -4.88 -4.89 2.41
C TYR B 169 -4.83 -5.00 3.92
N HIS B 171 -4.06 -4.34 7.43
CA HIS B 171 -4.01 -3.86 8.81
C HIS B 171 -3.79 -5.13 9.66
N GLN B 172 -2.52 -5.43 9.95
CA GLN B 172 -2.13 -6.46 10.95
C GLN B 172 -0.67 -6.83 10.90
N VAL B 173 -0.06 -6.91 12.10
CA VAL B 173 1.36 -7.22 12.30
C VAL B 173 1.67 -8.59 11.69
N VAL B 174 2.71 -8.66 10.86
CA VAL B 174 3.05 -9.87 10.13
C VAL B 174 3.60 -11.03 11.04
N THR B 175 4.92 -11.33 11.07
CA THR B 175 5.58 -12.37 12.01
C THR B 175 6.27 -13.72 11.56
N ARG B 176 7.44 -13.87 12.17
CA ARG B 176 8.46 -14.87 11.93
C ARG B 176 8.89 -15.21 13.33
N TRP B 177 8.03 -14.88 14.30
CA TRP B 177 8.25 -15.19 15.71
C TRP B 177 8.25 -16.70 15.93
N TYR B 178 7.93 -17.44 14.87
CA TYR B 178 7.69 -18.85 14.88
C TYR B 178 8.57 -19.58 13.88
N ARG B 179 9.39 -18.80 13.19
CA ARG B 179 10.44 -19.34 12.34
C ARG B 179 11.45 -20.12 13.22
N ALA B 180 11.68 -21.38 12.87
CA ALA B 180 12.69 -22.19 13.55
C ALA B 180 14.08 -21.68 13.21
N PRO B 181 15.02 -21.85 14.14
CA PRO B 181 16.34 -21.28 14.00
C PRO B 181 16.98 -21.67 12.67
N GLU B 182 16.83 -22.93 12.24
CA GLU B 182 17.48 -23.36 11.01
C GLU B 182 16.98 -22.55 9.82
N LEU B 183 15.70 -22.21 9.83
CA LEU B 183 15.18 -21.24 8.84
C LEU B 183 15.75 -19.83 8.99
N LEU B 184 15.84 -19.32 10.22
CA LEU B 184 16.37 -18.00 10.43
C LEU B 184 17.82 -17.98 9.97
N PHE B 185 18.50 -19.09 10.16
CA PHE B 185 19.84 -19.20 9.63
C PHE B 185 19.78 -19.71 8.18
N GLY B 186 18.59 -19.68 7.60
CA GLY B 186 18.42 -19.87 6.17
C GLY B 186 18.80 -21.21 5.54
N ALA B 187 18.56 -22.30 6.26
CA ALA B 187 18.76 -23.63 5.68
C ALA B 187 17.85 -23.78 4.47
N ARG B 188 18.37 -24.37 3.39
CA ARG B 188 17.50 -24.70 2.27
C ARG B 188 16.84 -26.04 2.47
N MET B 189 17.43 -26.94 3.23
CA MET B 189 16.73 -28.18 3.53
C MET B 189 16.21 -28.17 4.93
N TYR B 190 15.02 -28.71 5.10
CA TYR B 190 14.31 -28.68 6.38
C TYR B 190 13.15 -29.62 6.29
N GLY B 191 12.53 -29.94 7.41
CA GLY B 191 11.40 -30.85 7.42
C GLY B 191 10.63 -30.68 8.70
N VAL B 192 9.86 -31.69 9.05
CA VAL B 192 9.01 -31.70 10.25
C VAL B 192 9.44 -30.78 11.38
N GLY B 193 10.72 -30.77 11.77
CA GLY B 193 11.17 -29.89 12.86
C GLY B 193 10.77 -28.44 12.75
N VAL B 194 10.37 -27.99 11.55
CA VAL B 194 9.97 -26.61 11.36
C VAL B 194 8.62 -26.37 12.02
N ASP B 195 7.65 -27.18 11.65
CA ASP B 195 6.37 -27.16 12.28
C ASP B 195 6.48 -27.37 13.81
N MET B 196 7.37 -28.28 14.18
CA MET B 196 7.58 -28.61 15.55
C MET B 196 8.08 -27.43 16.33
N TRP B 197 9.02 -26.68 15.77
CA TRP B 197 9.50 -25.54 16.54
C TRP B 197 8.40 -24.48 16.73
N ALA B 198 7.48 -24.43 15.78
CA ALA B 198 6.46 -23.42 15.84
C ALA B 198 5.46 -23.86 16.91
N VAL B 199 5.11 -25.15 16.92
CA VAL B 199 4.29 -25.63 17.99
C VAL B 199 4.95 -25.22 19.31
N GLY B 200 6.23 -25.51 19.44
CA GLY B 200 6.94 -24.94 20.56
C GLY B 200 6.50 -23.52 20.85
N CYS B 201 6.74 -22.61 19.90
CA CYS B 201 6.50 -21.18 20.10
C CYS B 201 5.06 -20.94 20.50
N ILE B 202 4.16 -21.63 19.81
CA ILE B 202 2.74 -21.60 20.15
C ILE B 202 2.52 -22.04 21.60
N LEU B 203 3.04 -23.21 21.95
CA LEU B 203 2.92 -23.70 23.31
C LEU B 203 3.41 -22.66 24.30
N ALA B 204 4.51 -21.99 23.97
CA ALA B 204 5.05 -21.03 24.89
C ALA B 204 4.05 -19.91 25.06
N GLU B 205 3.52 -19.43 23.95
CA GLU B 205 2.54 -18.37 23.95
C GLU B 205 1.30 -18.76 24.72
N LEU B 206 0.94 -20.04 24.68
CA LEU B 206 -0.22 -20.45 25.42
C LEU B 206 0.05 -20.21 26.86
N LEU B 207 1.26 -20.51 27.34
CA LEU B 207 1.56 -20.40 28.77
C LEU B 207 1.88 -18.99 29.20
N LEU B 208 2.68 -18.28 28.41
CA LEU B 208 2.98 -16.87 28.70
C LEU B 208 1.86 -15.93 28.27
N ARG B 209 0.94 -16.45 27.47
CA ARG B 209 -0.22 -15.70 27.04
C ARG B 209 0.24 -14.42 26.37
N VAL B 210 1.40 -14.50 25.72
CA VAL B 210 2.06 -13.41 25.00
C VAL B 210 3.06 -14.03 23.99
N PRO B 211 3.34 -13.36 22.86
CA PRO B 211 4.29 -13.95 21.90
C PRO B 211 5.59 -14.20 22.61
N PHE B 212 6.10 -15.43 22.52
CA PHE B 212 7.29 -15.92 23.27
C PHE B 212 8.55 -15.26 22.78
N LEU B 213 8.79 -15.27 21.48
CA LEU B 213 10.03 -14.68 20.98
C LEU B 213 9.84 -13.64 19.86
N PRO B 214 9.32 -12.47 20.19
CA PRO B 214 8.93 -11.51 19.16
C PRO B 214 10.13 -10.78 18.56
N GLY B 215 10.44 -11.04 17.30
CA GLY B 215 11.65 -10.48 16.69
C GLY B 215 11.43 -9.45 15.61
N ASP B 216 12.01 -8.28 15.82
CA ASP B 216 11.97 -7.18 14.86
C ASP B 216 12.45 -7.60 13.51
N SER B 217 13.52 -8.37 13.51
CA SER B 217 14.15 -8.76 12.31
C SER B 217 14.54 -10.18 12.57
N ASP B 218 15.48 -10.69 11.78
CA ASP B 218 15.93 -12.05 11.92
C ASP B 218 17.02 -12.11 12.98
N LEU B 219 18.04 -11.29 12.83
CA LEU B 219 19.09 -11.25 13.83
C LEU B 219 18.50 -10.99 15.21
N ASP B 220 17.36 -10.29 15.25
CA ASP B 220 16.67 -10.04 16.52
C ASP B 220 16.07 -11.35 16.95
N GLN B 221 15.22 -11.91 16.10
CA GLN B 221 14.59 -13.19 16.37
C GLN B 221 15.60 -14.19 16.90
N LEU B 222 16.74 -14.30 16.22
CA LEU B 222 17.75 -15.29 16.58
C LEU B 222 18.24 -15.03 17.97
N THR B 223 18.49 -13.76 18.25
CA THR B 223 19.05 -13.39 19.52
C THR B 223 18.01 -13.60 20.62
N ARG B 224 16.78 -13.25 20.33
CA ARG B 224 15.72 -13.48 21.26
C ARG B 224 15.66 -14.96 21.61
N ILE B 225 15.74 -15.81 20.59
CA ILE B 225 15.87 -17.25 20.79
C ILE B 225 17.04 -17.61 21.69
N PHE B 226 18.23 -17.20 21.31
CA PHE B 226 19.39 -17.69 21.96
C PHE B 226 19.54 -17.18 23.35
N GLU B 227 19.23 -15.90 23.57
CA GLU B 227 19.36 -15.38 24.91
C GLU B 227 18.38 -16.09 25.81
N THR B 228 17.25 -16.48 25.26
CA THR B 228 16.30 -17.24 26.04
C THR B 228 16.68 -18.71 26.18
N LEU B 229 17.13 -19.32 25.09
CA LEU B 229 17.33 -20.76 25.13
C LEU B 229 18.78 -21.17 25.29
N GLY B 230 19.66 -20.20 25.31
CA GLY B 230 21.10 -20.49 25.33
C GLY B 230 21.50 -20.61 23.89
N THR B 231 22.69 -20.16 23.54
CA THR B 231 23.15 -20.38 22.18
C THR B 231 23.64 -21.82 22.16
N PRO B 232 23.29 -22.58 21.11
CA PRO B 232 23.51 -24.02 21.10
C PRO B 232 24.98 -24.40 20.90
N THR B 233 25.37 -25.45 21.62
CA THR B 233 26.69 -26.06 21.53
C THR B 233 26.92 -26.64 20.14
N GLU B 234 28.02 -27.40 20.01
CA GLU B 234 28.17 -28.20 18.83
C GLU B 234 27.48 -29.56 19.00
N GLU B 235 27.49 -30.07 20.24
CA GLU B 235 26.69 -31.28 20.54
C GLU B 235 25.22 -30.98 20.47
N GLN B 236 24.82 -29.81 20.93
CA GLN B 236 23.42 -29.43 20.82
C GLN B 236 23.01 -29.38 19.34
N TRP B 237 23.85 -28.81 18.49
CA TRP B 237 23.46 -28.66 17.12
C TRP B 237 24.67 -28.95 16.29
N PRO B 238 24.78 -30.17 15.80
CA PRO B 238 25.89 -30.55 14.92
C PRO B 238 25.55 -30.05 13.51
N ASP B 239 26.55 -29.46 12.84
CA ASP B 239 26.33 -28.82 11.55
C ASP B 239 25.83 -27.41 11.70
N MET B 240 25.61 -26.99 12.94
CA MET B 240 25.00 -25.70 13.11
C MET B 240 25.74 -24.62 12.35
N CYS B 241 27.07 -24.63 12.37
CA CYS B 241 27.83 -23.51 11.80
C CYS B 241 27.78 -23.37 10.31
N SER B 242 27.60 -24.49 9.63
CA SER B 242 27.59 -24.48 8.20
C SER B 242 26.24 -24.11 7.62
N LEU B 243 25.33 -23.63 8.46
CA LEU B 243 24.10 -22.98 8.00
C LEU B 243 24.40 -21.76 7.13
N PRO B 244 23.68 -21.61 6.02
CA PRO B 244 23.89 -20.53 5.07
C PRO B 244 23.98 -19.12 5.64
N ASP B 245 23.26 -18.80 6.71
CA ASP B 245 23.28 -17.43 7.23
C ASP B 245 23.79 -17.40 8.63
N TYR B 246 24.65 -18.37 8.92
CA TYR B 246 25.16 -18.54 10.23
C TYR B 246 26.01 -17.36 10.61
N VAL B 247 25.67 -16.74 11.73
CA VAL B 247 26.46 -15.72 12.41
C VAL B 247 26.84 -16.33 13.76
N THR B 248 28.02 -15.97 14.28
CA THR B 248 28.41 -16.38 15.66
C THR B 248 27.75 -15.43 16.65
N PHE B 249 27.13 -16.02 17.66
CA PHE B 249 26.44 -15.25 18.68
C PHE B 249 27.26 -15.21 19.97
N LYS B 250 27.07 -14.15 20.76
CA LYS B 250 27.57 -14.16 22.15
C LYS B 250 27.03 -15.47 22.70
N SER B 251 27.87 -16.32 23.26
CA SER B 251 27.29 -17.50 23.86
C SER B 251 26.50 -17.09 25.13
N PHE B 252 25.23 -17.47 25.18
CA PHE B 252 24.30 -17.16 26.25
C PHE B 252 23.95 -18.43 26.97
N PRO B 253 23.93 -18.43 28.31
CA PRO B 253 23.49 -19.60 29.07
C PRO B 253 22.04 -19.90 28.79
N GLY B 254 21.22 -18.88 28.66
CA GLY B 254 19.81 -19.10 28.44
C GLY B 254 19.13 -19.45 29.74
N ILE B 255 17.86 -19.12 29.79
CA ILE B 255 17.14 -19.23 31.01
C ILE B 255 16.53 -20.62 31.00
N PRO B 256 16.58 -21.29 32.15
CA PRO B 256 16.03 -22.61 32.30
C PRO B 256 14.54 -22.59 32.12
N LEU B 257 13.99 -23.71 31.64
CA LEU B 257 12.58 -23.75 31.30
C LEU B 257 11.70 -23.47 32.48
N HIS B 258 12.11 -23.89 33.69
CA HIS B 258 11.28 -23.69 34.88
C HIS B 258 11.25 -22.23 35.23
N HIS B 259 12.23 -21.50 34.76
CA HIS B 259 12.20 -20.08 35.03
C HIS B 259 11.32 -19.33 34.05
N ILE B 260 11.44 -19.69 32.77
CA ILE B 260 10.60 -19.12 31.74
C ILE B 260 9.13 -19.37 31.96
N PHE B 261 8.77 -20.62 32.25
CA PHE B 261 7.38 -21.00 32.32
C PHE B 261 7.24 -21.47 33.71
N SER B 262 6.79 -20.58 34.60
CA SER B 262 6.86 -20.91 36.04
C SER B 262 5.58 -21.60 36.39
N ALA B 263 4.64 -21.55 35.45
CA ALA B 263 3.41 -22.28 35.57
C ALA B 263 3.71 -23.75 35.38
N ALA B 264 4.77 -24.07 34.61
CA ALA B 264 4.93 -25.37 33.94
C ALA B 264 5.31 -26.55 34.84
N GLY B 265 4.69 -27.70 34.60
CA GLY B 265 5.07 -28.95 35.27
C GLY B 265 6.07 -29.76 34.47
N ASP B 266 6.90 -30.53 35.18
CA ASP B 266 7.99 -31.29 34.58
C ASP B 266 7.58 -32.07 33.34
N ASP B 267 6.37 -32.59 33.28
CA ASP B 267 6.11 -33.39 32.11
C ASP B 267 5.79 -32.50 30.89
N LEU B 268 5.52 -31.22 31.14
CA LEU B 268 5.15 -30.26 30.09
C LEU B 268 6.41 -29.64 29.71
N LEU B 269 7.10 -29.08 30.70
CA LEU B 269 8.48 -28.66 30.53
C LEU B 269 9.15 -29.65 29.58
N ASP B 270 9.18 -30.93 29.96
CA ASP B 270 9.76 -31.95 29.08
C ASP B 270 9.37 -31.85 27.63
N LEU B 271 8.11 -31.57 27.37
CA LEU B 271 7.65 -31.51 25.99
C LEU B 271 8.12 -30.21 25.34
N ILE B 272 8.19 -29.12 26.12
CA ILE B 272 8.83 -27.89 25.67
C ILE B 272 10.29 -28.17 25.37
N GLN B 273 10.97 -28.82 26.31
CA GLN B 273 12.39 -29.13 26.13
C GLN B 273 12.61 -29.66 24.71
N GLY B 274 11.73 -30.57 24.31
CA GLY B 274 11.83 -31.31 23.08
C GLY B 274 11.38 -30.56 21.84
N LEU B 275 10.45 -29.62 21.99
CA LEU B 275 10.10 -28.83 20.82
C LEU B 275 11.17 -27.79 20.47
N PHE B 276 12.08 -27.49 21.40
CA PHE B 276 12.98 -26.36 21.25
C PHE B 276 14.41 -26.79 21.12
N LEU B 277 14.61 -28.09 21.03
CA LEU B 277 15.92 -28.62 20.72
C LEU B 277 16.30 -27.91 19.45
N PHE B 278 17.45 -27.25 19.47
CA PHE B 278 17.91 -26.59 18.26
C PHE B 278 18.10 -27.54 17.06
N ASN B 279 18.72 -28.68 17.27
CA ASN B 279 18.96 -29.62 16.20
C ASN B 279 17.71 -30.22 15.58
N PRO B 280 17.40 -29.80 14.36
CA PRO B 280 16.12 -30.09 13.72
C PRO B 280 15.66 -31.52 13.83
N CYS B 281 16.55 -32.46 14.03
CA CYS B 281 16.05 -33.83 14.11
C CYS B 281 16.36 -34.56 15.42
N ALA B 282 16.99 -33.87 16.37
CA ALA B 282 16.94 -34.36 17.72
C ALA B 282 15.57 -33.90 18.12
N ARG B 283 15.12 -32.80 17.51
CA ARG B 283 13.86 -32.17 17.87
C ARG B 283 12.69 -33.11 17.75
N ILE B 284 11.84 -33.08 18.77
CA ILE B 284 10.74 -34.02 18.98
C ILE B 284 9.77 -33.99 17.79
N THR B 285 9.08 -35.10 17.57
CA THR B 285 8.21 -35.24 16.41
C THR B 285 6.79 -35.23 16.91
N ALA B 286 5.85 -34.90 16.03
CA ALA B 286 4.47 -34.76 16.47
C ALA B 286 4.06 -36.05 17.14
N THR B 287 4.22 -37.15 16.42
CA THR B 287 3.84 -38.41 17.05
C THR B 287 4.69 -38.68 18.30
N GLN B 288 5.94 -38.24 18.30
CA GLN B 288 6.73 -38.38 19.51
C GLN B 288 6.19 -37.58 20.70
N ALA B 289 5.79 -36.35 20.43
CA ALA B 289 5.13 -35.55 21.42
C ALA B 289 3.84 -36.22 21.90
N LEU B 290 2.93 -36.55 20.98
CA LEU B 290 1.72 -37.24 21.38
C LEU B 290 2.02 -38.45 22.31
N LYS B 291 3.14 -39.11 22.06
CA LYS B 291 3.46 -40.35 22.77
C LYS B 291 4.13 -40.04 24.10
N MET B 292 4.16 -38.75 24.41
CA MET B 292 4.82 -38.23 25.59
C MET B 292 3.98 -38.31 26.85
N LYS B 293 4.63 -38.56 27.99
CA LYS B 293 3.90 -38.71 29.26
C LYS B 293 2.92 -37.57 29.39
N TYR B 294 3.37 -36.35 29.16
CA TYR B 294 2.54 -35.18 29.39
C TYR B 294 1.12 -35.34 28.93
N PHE B 295 0.88 -36.19 27.94
CA PHE B 295 -0.44 -36.30 27.34
C PHE B 295 -1.31 -37.36 27.97
N SER B 296 -0.65 -38.36 28.54
CA SER B 296 -1.31 -39.40 29.31
C SER B 296 -1.35 -39.01 30.78
N ASN B 297 -1.22 -37.71 31.07
CA ASN B 297 -0.82 -37.25 32.40
C ASN B 297 -1.78 -36.38 33.23
N ARG B 298 -1.46 -36.28 34.53
CA ARG B 298 -2.46 -35.99 35.59
C ARG B 298 -3.75 -35.34 35.12
N PRO B 299 -3.77 -34.06 34.75
CA PRO B 299 -5.01 -33.42 34.27
C PRO B 299 -5.17 -33.57 32.77
N GLY B 300 -6.09 -34.44 32.35
CA GLY B 300 -6.38 -34.68 30.94
C GLY B 300 -6.94 -33.45 30.27
N PRO B 301 -6.93 -33.43 28.94
CA PRO B 301 -7.25 -32.22 28.17
C PRO B 301 -8.72 -31.87 28.25
N THR B 302 -9.08 -30.64 28.63
CA THR B 302 -10.53 -30.35 28.71
C THR B 302 -11.18 -30.64 27.35
N PRO B 303 -12.35 -31.25 27.35
CA PRO B 303 -13.01 -31.61 26.08
C PRO B 303 -13.43 -30.37 25.28
N GLY B 304 -13.58 -30.53 23.97
CA GLY B 304 -13.80 -29.41 23.06
C GLY B 304 -14.79 -28.37 23.54
N CYS B 305 -16.00 -28.82 23.85
CA CYS B 305 -17.13 -27.93 24.16
C CYS B 305 -17.01 -27.27 25.52
N GLN B 306 -16.16 -27.80 26.41
CA GLN B 306 -15.80 -27.09 27.64
C GLN B 306 -14.65 -26.14 27.43
N LEU B 307 -14.16 -26.04 26.21
CA LEU B 307 -13.00 -25.21 25.92
C LEU B 307 -13.45 -23.77 25.69
N PRO B 308 -12.67 -22.79 26.18
CA PRO B 308 -13.09 -21.37 26.18
C PRO B 308 -13.32 -20.71 24.81
N ARG B 309 -14.34 -19.85 24.72
CA ARG B 309 -14.68 -19.10 23.51
C ARG B 309 -14.84 -17.62 23.86
N PRO B 310 -14.37 -16.74 22.99
CA PRO B 310 -14.32 -15.30 23.25
C PRO B 310 -15.63 -14.54 23.01
N ASN B 311 -15.66 -13.26 23.44
CA ASN B 311 -16.83 -12.38 23.29
C ASN B 311 -17.31 -12.28 21.84
N GLU C 13 -35.03 -68.01 -50.04
CA GLU C 13 -34.87 -67.05 -51.18
C GLU C 13 -34.55 -65.62 -50.74
N LYS C 14 -33.33 -65.18 -51.10
CA LYS C 14 -32.77 -63.88 -50.72
C LYS C 14 -33.61 -62.68 -51.20
N LEU C 15 -34.53 -62.23 -50.33
CA LEU C 15 -35.37 -61.07 -50.62
C LEU C 15 -34.65 -59.72 -50.40
N ASP C 16 -33.54 -59.72 -49.65
CA ASP C 16 -32.81 -58.47 -49.30
C ASP C 16 -31.36 -58.68 -48.81
N PHE C 17 -30.50 -57.71 -49.12
CA PHE C 17 -29.16 -57.63 -48.54
C PHE C 17 -29.24 -56.63 -47.38
N LEU C 18 -28.86 -57.07 -46.18
CA LEU C 18 -29.07 -56.30 -44.95
C LEU C 18 -27.86 -55.52 -44.40
N GLY C 19 -26.67 -56.00 -44.75
CA GLY C 19 -25.41 -55.46 -44.22
C GLY C 19 -24.45 -56.56 -43.80
N GLU C 20 -23.16 -56.24 -43.76
CA GLU C 20 -22.18 -57.18 -43.20
C GLU C 20 -21.81 -56.82 -41.76
N GLY C 21 -20.91 -57.60 -41.18
CA GLY C 21 -20.63 -57.49 -39.76
C GLY C 21 -19.38 -58.25 -39.39
N GLN C 22 -18.58 -57.64 -38.53
CA GLN C 22 -17.29 -58.18 -38.12
C GLN C 22 -16.90 -59.43 -38.92
N PHE C 23 -17.52 -60.58 -38.63
CA PHE C 23 -17.07 -61.85 -39.21
C PHE C 23 -18.14 -62.57 -40.07
N ALA C 24 -19.13 -61.83 -40.60
CA ALA C 24 -20.15 -62.44 -41.49
C ALA C 24 -21.05 -61.41 -42.20
N THR C 25 -21.60 -61.80 -43.37
CA THR C 25 -22.53 -60.96 -44.16
C THR C 25 -23.99 -61.53 -44.08
N VAL C 26 -24.98 -60.64 -44.00
CA VAL C 26 -26.38 -60.96 -43.64
C VAL C 26 -27.38 -60.62 -44.75
N TYR C 27 -28.10 -61.64 -45.24
CA TYR C 27 -29.14 -61.50 -46.27
C TYR C 27 -30.52 -61.80 -45.66
N LYS C 28 -31.44 -60.83 -45.76
CA LYS C 28 -32.85 -61.02 -45.39
C LYS C 28 -33.49 -61.95 -46.40
N ALA C 29 -34.47 -62.72 -45.96
CA ALA C 29 -35.12 -63.71 -46.82
C ALA C 29 -36.41 -64.25 -46.23
N ARG C 30 -37.22 -64.81 -47.11
CA ARG C 30 -38.25 -65.76 -46.75
C ARG C 30 -37.80 -66.94 -47.59
N ASP C 31 -37.26 -67.95 -46.90
CA ASP C 31 -36.62 -69.06 -47.58
C ASP C 31 -37.69 -70.02 -48.05
N LYS C 32 -37.29 -70.92 -48.94
CA LYS C 32 -38.11 -72.07 -49.33
C LYS C 32 -38.60 -72.78 -48.05
N ASN C 33 -39.94 -72.96 -47.97
CA ASN C 33 -40.67 -73.71 -46.91
C ASN C 33 -41.48 -72.94 -45.83
N THR C 34 -41.18 -71.67 -45.59
CA THR C 34 -41.90 -70.96 -44.55
C THR C 34 -42.63 -69.73 -45.04
N ASN C 35 -43.71 -69.40 -44.32
CA ASN C 35 -44.37 -68.10 -44.40
C ASN C 35 -43.39 -67.00 -43.97
N GLN C 36 -42.61 -67.32 -42.91
CA GLN C 36 -41.76 -66.39 -42.15
C GLN C 36 -40.68 -65.63 -42.93
N ILE C 37 -40.56 -64.34 -42.63
CA ILE C 37 -39.43 -63.49 -43.00
C ILE C 37 -38.28 -63.71 -42.00
N VAL C 38 -37.14 -64.20 -42.48
CA VAL C 38 -36.00 -64.57 -41.60
C VAL C 38 -34.64 -64.11 -42.13
N ALA C 39 -33.70 -63.83 -41.23
CA ALA C 39 -32.34 -63.47 -41.63
C ALA C 39 -31.33 -64.64 -41.58
N ILE C 40 -30.50 -64.74 -42.62
CA ILE C 40 -29.39 -65.69 -42.65
C ILE C 40 -28.10 -64.89 -42.70
N LYS C 41 -27.00 -65.51 -42.30
CA LYS C 41 -25.68 -64.90 -42.49
C LYS C 41 -24.69 -65.87 -43.11
N LYS C 42 -24.33 -65.60 -44.37
CA LYS C 42 -23.31 -66.38 -45.07
C LYS C 42 -21.99 -65.82 -44.58
N ILE C 43 -21.17 -66.69 -43.97
CA ILE C 43 -19.92 -66.25 -43.33
C ILE C 43 -18.79 -65.99 -44.34
N ASN C 56 -15.63 -77.33 -37.22
CA ASN C 56 -14.67 -76.99 -36.16
C ASN C 56 -14.93 -77.75 -34.84
N ARG C 57 -15.81 -78.75 -34.91
CA ARG C 57 -16.39 -79.43 -33.72
C ARG C 57 -16.87 -78.45 -32.64
N THR C 58 -15.95 -77.65 -32.07
CA THR C 58 -16.32 -76.56 -31.17
C THR C 58 -17.54 -75.83 -31.70
N ALA C 59 -17.37 -75.26 -32.90
CA ALA C 59 -18.42 -74.48 -33.56
C ALA C 59 -19.66 -75.34 -33.74
N LEU C 60 -19.47 -76.61 -34.09
CA LEU C 60 -20.60 -77.52 -34.28
C LEU C 60 -21.53 -77.64 -33.05
N ARG C 61 -20.97 -77.51 -31.84
CA ARG C 61 -21.73 -77.51 -30.59
C ARG C 61 -22.37 -76.16 -30.26
N GLU C 62 -21.58 -75.08 -30.41
CA GLU C 62 -22.03 -73.70 -30.18
C GLU C 62 -23.21 -73.39 -31.09
N ILE C 63 -23.31 -74.14 -32.17
CA ILE C 63 -24.52 -74.19 -32.97
C ILE C 63 -25.63 -74.91 -32.23
N LYS C 64 -25.42 -76.20 -31.91
CA LYS C 64 -26.48 -77.01 -31.31
C LYS C 64 -26.97 -76.29 -30.08
N LEU C 65 -26.00 -75.75 -29.33
CA LEU C 65 -26.27 -75.06 -28.10
C LEU C 65 -27.28 -73.95 -28.30
N LEU C 66 -27.00 -73.04 -29.24
CA LEU C 66 -27.91 -71.93 -29.46
C LEU C 66 -29.27 -72.49 -29.84
N GLN C 67 -29.29 -73.25 -30.95
CA GLN C 67 -30.49 -73.95 -31.41
C GLN C 67 -31.31 -74.43 -30.23
N GLU C 68 -30.66 -75.22 -29.37
CA GLU C 68 -31.28 -75.81 -28.18
C GLU C 68 -31.83 -74.77 -27.21
N LEU C 69 -31.20 -73.60 -27.13
CA LEU C 69 -31.70 -72.56 -26.23
C LEU C 69 -33.07 -72.14 -26.65
N SER C 70 -33.89 -71.77 -25.68
CA SER C 70 -35.20 -71.19 -25.96
C SER C 70 -35.56 -70.18 -24.90
N HIS C 71 -35.66 -68.93 -25.31
CA HIS C 71 -36.08 -67.88 -24.39
C HIS C 71 -36.56 -66.76 -25.29
N PRO C 72 -37.65 -66.13 -24.89
CA PRO C 72 -38.23 -65.04 -25.67
C PRO C 72 -37.23 -63.90 -25.89
N ASN C 73 -36.15 -63.91 -25.12
CA ASN C 73 -35.19 -62.81 -25.14
C ASN C 73 -33.81 -63.14 -25.68
N ILE C 74 -33.52 -64.45 -25.81
CA ILE C 74 -32.44 -64.94 -26.66
C ILE C 74 -32.98 -65.19 -28.05
N ILE C 75 -32.13 -65.01 -29.05
CA ILE C 75 -32.58 -65.16 -30.42
C ILE C 75 -32.68 -66.64 -30.81
N GLY C 76 -33.69 -66.96 -31.59
CA GLY C 76 -33.83 -68.30 -32.14
C GLY C 76 -32.85 -68.53 -33.29
N LEU C 77 -32.05 -69.58 -33.17
CA LEU C 77 -31.43 -70.13 -34.34
C LEU C 77 -32.48 -71.06 -34.90
N LEU C 78 -33.13 -70.61 -35.98
CA LEU C 78 -34.23 -71.35 -36.58
C LEU C 78 -33.71 -72.53 -37.45
N ASP C 79 -32.55 -72.36 -38.07
CA ASP C 79 -31.92 -73.46 -38.83
C ASP C 79 -30.42 -73.24 -39.08
N ALA C 80 -29.68 -74.35 -39.07
CA ALA C 80 -28.28 -74.35 -39.46
C ALA C 80 -28.08 -75.24 -40.69
N PHE C 81 -27.73 -74.61 -41.81
CA PHE C 81 -27.25 -75.33 -43.00
C PHE C 81 -25.99 -74.68 -43.54
N GLY C 82 -25.01 -75.50 -43.90
CA GLY C 82 -23.78 -74.99 -44.51
C GLY C 82 -23.28 -75.91 -45.60
N HIS C 83 -22.39 -75.41 -46.44
CA HIS C 83 -21.55 -76.27 -47.28
C HIS C 83 -20.09 -76.33 -46.75
N LYS C 84 -19.08 -76.23 -47.60
CA LYS C 84 -17.70 -76.02 -47.12
C LYS C 84 -17.21 -74.60 -47.46
N SER C 85 -17.51 -74.17 -48.70
CA SER C 85 -17.19 -72.82 -49.19
C SER C 85 -17.63 -71.69 -48.22
N ASN C 86 -18.90 -71.75 -47.78
CA ASN C 86 -19.46 -70.80 -46.83
C ASN C 86 -20.27 -71.54 -45.78
N ILE C 87 -20.55 -70.88 -44.65
CA ILE C 87 -21.57 -71.39 -43.73
C ILE C 87 -22.65 -70.35 -43.43
N SER C 88 -23.89 -70.83 -43.45
CA SER C 88 -25.08 -69.98 -43.37
C SER C 88 -25.87 -70.35 -42.13
N LEU C 89 -26.36 -69.34 -41.41
CA LEU C 89 -27.16 -69.55 -40.18
C LEU C 89 -28.41 -68.69 -40.15
N VAL C 90 -29.57 -69.33 -40.12
CA VAL C 90 -30.86 -68.63 -40.24
C VAL C 90 -31.56 -68.38 -38.89
N PHE C 91 -31.55 -67.11 -38.50
CA PHE C 91 -32.22 -66.66 -37.27
C PHE C 91 -33.54 -66.08 -37.67
N ASP C 92 -34.45 -65.96 -36.70
CA ASP C 92 -35.64 -65.17 -36.99
C ASP C 92 -35.25 -63.71 -37.28
N PHE C 93 -36.12 -63.02 -38.01
CA PHE C 93 -35.85 -61.69 -38.49
C PHE C 93 -36.17 -60.66 -37.42
N MET C 94 -35.13 -60.00 -36.92
CA MET C 94 -35.31 -58.85 -36.04
C MET C 94 -35.34 -57.61 -36.90
N GLU C 95 -36.18 -56.64 -36.55
CA GLU C 95 -36.33 -55.40 -37.32
C GLU C 95 -35.12 -54.49 -37.30
N THR C 96 -34.74 -54.00 -36.12
CA THR C 96 -33.45 -53.32 -35.96
C THR C 96 -32.90 -53.78 -34.63
N ASP C 97 -32.07 -52.93 -34.02
CA ASP C 97 -31.43 -53.24 -32.75
C ASP C 97 -31.27 -51.99 -31.94
N LEU C 98 -30.84 -52.16 -30.70
CA LEU C 98 -30.76 -51.09 -29.77
C LEU C 98 -29.69 -50.08 -30.14
N GLU C 99 -28.87 -50.38 -31.15
CA GLU C 99 -27.86 -49.42 -31.61
C GLU C 99 -28.49 -48.33 -32.42
N VAL C 100 -29.48 -48.64 -33.23
CA VAL C 100 -30.08 -47.60 -34.10
C VAL C 100 -31.10 -46.75 -33.33
N ILE C 101 -31.82 -47.36 -32.41
CA ILE C 101 -32.67 -46.59 -31.49
C ILE C 101 -31.86 -45.43 -30.87
N ILE C 102 -30.74 -45.78 -30.26
CA ILE C 102 -29.82 -44.78 -29.79
C ILE C 102 -29.31 -44.03 -30.98
N LYS C 103 -28.52 -44.76 -31.77
CA LYS C 103 -27.60 -44.17 -32.75
C LYS C 103 -28.37 -43.12 -33.50
N ASP C 104 -27.94 -41.91 -33.22
CA ASP C 104 -28.34 -40.70 -33.92
C ASP C 104 -29.82 -40.67 -34.36
N ASN C 105 -30.62 -41.62 -33.85
CA ASN C 105 -32.04 -41.50 -34.08
C ASN C 105 -32.58 -40.45 -33.14
N SER C 106 -32.15 -39.24 -33.46
CA SER C 106 -32.48 -38.04 -32.74
C SER C 106 -33.99 -37.96 -32.79
N LEU C 107 -34.57 -38.46 -33.88
CA LEU C 107 -36.03 -38.70 -34.01
C LEU C 107 -36.64 -39.50 -32.85
N VAL C 108 -36.03 -40.61 -32.45
CA VAL C 108 -36.60 -41.47 -31.41
C VAL C 108 -36.28 -40.88 -30.03
N LEU C 109 -37.22 -40.98 -29.08
CA LEU C 109 -37.05 -40.50 -27.71
C LEU C 109 -37.16 -41.61 -26.69
N THR C 110 -36.22 -41.70 -25.76
CA THR C 110 -36.26 -42.83 -24.84
C THR C 110 -36.41 -42.39 -23.32
N PRO C 111 -37.54 -42.71 -22.64
CA PRO C 111 -37.82 -42.25 -21.23
C PRO C 111 -37.97 -43.20 -19.99
N SER C 112 -38.07 -44.50 -20.23
CA SER C 112 -38.92 -45.45 -19.46
C SER C 112 -39.26 -46.57 -20.47
N HIS C 113 -38.83 -46.30 -21.71
CA HIS C 113 -38.50 -47.32 -22.66
C HIS C 113 -37.27 -48.03 -22.12
N ILE C 114 -36.35 -47.29 -21.51
CA ILE C 114 -35.13 -47.86 -20.91
C ILE C 114 -35.42 -49.05 -19.99
N LYS C 115 -36.23 -48.80 -18.95
CA LYS C 115 -36.65 -49.89 -18.08
C LYS C 115 -36.99 -51.09 -18.93
N ALA C 116 -37.84 -50.90 -19.95
CA ALA C 116 -38.28 -52.01 -20.82
C ALA C 116 -37.13 -52.75 -21.46
N TYR C 117 -36.18 -51.98 -21.99
CA TYR C 117 -35.08 -52.53 -22.72
C TYR C 117 -34.13 -53.24 -21.74
N MET C 118 -33.94 -52.62 -20.57
CA MET C 118 -33.09 -53.22 -19.53
C MET C 118 -33.69 -54.50 -18.99
N LEU C 119 -35.01 -54.53 -18.90
CA LEU C 119 -35.69 -55.71 -18.42
C LEU C 119 -35.44 -56.87 -19.39
N MET C 120 -35.70 -56.62 -20.66
CA MET C 120 -35.66 -57.72 -21.59
C MET C 120 -34.23 -58.23 -21.67
N THR C 121 -33.30 -57.31 -21.83
CA THR C 121 -31.88 -57.62 -21.76
C THR C 121 -31.59 -58.49 -20.57
N LEU C 122 -31.72 -57.92 -19.37
CA LEU C 122 -31.38 -58.66 -18.12
C LEU C 122 -32.00 -60.06 -17.97
N GLN C 123 -33.26 -60.20 -18.38
CA GLN C 123 -33.89 -61.49 -18.36
C GLN C 123 -33.20 -62.50 -19.25
N GLY C 124 -32.88 -62.15 -20.48
CA GLY C 124 -32.24 -63.11 -21.36
C GLY C 124 -30.84 -63.41 -20.84
N LEU C 125 -30.19 -62.38 -20.30
CA LEU C 125 -28.85 -62.54 -19.85
C LEU C 125 -28.93 -63.47 -18.66
N GLU C 126 -29.89 -63.21 -17.78
CA GLU C 126 -30.22 -64.12 -16.70
C GLU C 126 -30.35 -65.54 -17.19
N TYR C 127 -31.09 -65.73 -18.27
CA TYR C 127 -31.33 -67.07 -18.80
C TYR C 127 -29.98 -67.63 -19.10
N LEU C 128 -29.26 -66.98 -20.00
CA LEU C 128 -27.96 -67.46 -20.41
C LEU C 128 -27.16 -67.84 -19.19
N HIS C 129 -27.12 -66.94 -18.21
CA HIS C 129 -26.32 -67.19 -17.03
C HIS C 129 -26.77 -68.35 -16.16
N GLN C 130 -28.09 -68.59 -16.06
CA GLN C 130 -28.59 -69.78 -15.37
C GLN C 130 -27.90 -71.01 -16.00
N HIS C 131 -27.78 -70.92 -17.32
CA HIS C 131 -27.28 -72.00 -18.18
C HIS C 131 -25.78 -72.02 -18.45
N TRP C 132 -25.01 -71.39 -17.55
CA TRP C 132 -23.56 -71.35 -17.68
C TRP C 132 -23.21 -70.96 -19.10
N ILE C 133 -23.75 -69.84 -19.54
CA ILE C 133 -23.40 -69.26 -20.83
C ILE C 133 -23.07 -67.77 -20.67
N LEU C 134 -21.89 -67.40 -21.12
CA LEU C 134 -21.57 -66.01 -21.11
C LEU C 134 -21.76 -65.53 -22.51
N HIS C 135 -22.42 -64.42 -22.64
CA HIS C 135 -22.52 -63.80 -23.92
C HIS C 135 -21.34 -62.86 -24.02
N ARG C 136 -20.15 -63.37 -24.22
CA ARG C 136 -19.02 -62.52 -23.99
C ARG C 136 -18.90 -61.33 -24.98
N ASP C 137 -20.03 -60.91 -25.58
CA ASP C 137 -20.08 -59.83 -26.59
C ASP C 137 -21.42 -59.06 -26.60
N LEU C 138 -21.71 -58.36 -25.51
CA LEU C 138 -22.98 -57.65 -25.36
C LEU C 138 -22.82 -56.16 -25.71
N LYS C 139 -23.64 -55.62 -26.60
CA LYS C 139 -23.45 -54.24 -27.11
C LYS C 139 -24.68 -53.76 -27.93
N PRO C 140 -24.92 -52.45 -28.07
CA PRO C 140 -26.19 -52.04 -28.63
C PRO C 140 -26.66 -52.82 -29.89
N ASN C 141 -25.83 -53.02 -30.90
CA ASN C 141 -26.34 -53.78 -32.06
C ASN C 141 -26.67 -55.23 -31.77
N ASN C 142 -26.18 -55.75 -30.67
CA ASN C 142 -26.56 -57.11 -30.31
C ASN C 142 -27.81 -57.24 -29.49
N LEU C 143 -28.42 -56.12 -29.16
CA LEU C 143 -29.74 -56.15 -28.56
C LEU C 143 -30.73 -55.84 -29.68
N LEU C 144 -31.25 -56.89 -30.31
CA LEU C 144 -32.07 -56.74 -31.52
C LEU C 144 -33.53 -56.73 -31.13
N LEU C 145 -34.34 -55.91 -31.81
CA LEU C 145 -35.81 -55.93 -31.65
C LEU C 145 -36.55 -56.33 -32.94
N ASP C 146 -37.77 -56.83 -32.81
CA ASP C 146 -38.54 -57.27 -33.98
C ASP C 146 -39.80 -56.42 -34.07
N GLU C 147 -40.65 -56.73 -35.06
CA GLU C 147 -41.97 -56.05 -35.25
C GLU C 147 -42.63 -55.72 -33.90
N ASN C 148 -42.71 -56.71 -33.00
CA ASN C 148 -43.34 -56.51 -31.67
C ASN C 148 -42.48 -55.79 -30.63
N GLY C 149 -41.28 -55.33 -31.00
CA GLY C 149 -40.38 -54.73 -30.01
C GLY C 149 -40.17 -55.71 -28.87
N VAL C 150 -39.76 -56.92 -29.25
CA VAL C 150 -39.19 -57.91 -28.34
C VAL C 150 -37.68 -57.81 -28.51
N LEU C 151 -36.97 -57.55 -27.41
CA LEU C 151 -35.52 -57.44 -27.47
C LEU C 151 -34.96 -58.81 -27.34
N LYS C 152 -34.18 -59.18 -28.34
CA LYS C 152 -33.45 -60.43 -28.32
C LYS C 152 -31.93 -60.21 -28.33
N LEU C 153 -31.22 -60.91 -27.44
CA LEU C 153 -29.77 -60.85 -27.42
C LEU C 153 -29.28 -61.68 -28.59
N ALA C 154 -28.40 -61.09 -29.39
CA ALA C 154 -27.90 -61.73 -30.60
C ALA C 154 -27.00 -62.92 -30.26
N ASP C 155 -26.77 -63.74 -31.28
CA ASP C 155 -25.99 -64.97 -31.15
C ASP C 155 -24.64 -64.69 -30.52
N PHE C 156 -24.41 -65.22 -29.31
CA PHE C 156 -23.20 -64.91 -28.53
C PHE C 156 -21.90 -65.19 -29.26
N GLY C 157 -21.54 -64.21 -30.10
CA GLY C 157 -20.31 -64.20 -30.89
C GLY C 157 -19.89 -65.55 -31.43
N LEU C 158 -19.09 -66.25 -30.62
CA LEU C 158 -18.42 -67.51 -30.98
C LEU C 158 -19.33 -68.57 -31.66
N ALA C 159 -20.62 -68.54 -31.33
CA ALA C 159 -21.66 -69.33 -32.01
C ALA C 159 -21.98 -68.73 -33.38
N LYS C 160 -20.94 -68.17 -34.00
CA LYS C 160 -21.03 -67.48 -35.26
C LYS C 160 -19.66 -66.93 -35.62
N SER C 161 -19.49 -65.65 -35.31
CA SER C 161 -18.40 -64.80 -35.75
C SER C 161 -17.03 -65.28 -35.26
N PHE C 162 -16.76 -65.06 -33.97
CA PHE C 162 -15.53 -65.51 -33.32
C PHE C 162 -15.17 -66.93 -33.85
N GLY C 163 -16.05 -67.91 -33.62
CA GLY C 163 -15.71 -69.32 -33.81
C GLY C 163 -16.00 -69.99 -35.16
N SER C 164 -15.53 -69.36 -36.26
CA SER C 164 -15.62 -69.88 -37.65
C SER C 164 -14.89 -68.97 -38.66
N PRO C 165 -14.39 -69.55 -39.77
CA PRO C 165 -13.45 -68.85 -40.69
C PRO C 165 -13.61 -67.34 -40.96
N ASN C 166 -12.51 -66.78 -41.48
CA ASN C 166 -12.38 -65.41 -42.01
C ASN C 166 -13.24 -64.25 -41.51
N ARG C 167 -12.61 -63.07 -41.55
CA ARG C 167 -13.23 -61.81 -41.23
C ARG C 167 -13.74 -61.12 -42.50
N ALA C 168 -14.92 -61.52 -42.99
CA ALA C 168 -15.52 -60.92 -44.19
C ALA C 168 -15.53 -59.39 -44.14
N TYR C 169 -15.16 -58.75 -45.26
CA TYR C 169 -14.98 -57.28 -45.33
C TYR C 169 -16.22 -56.40 -45.00
N HIS C 171 -17.70 -52.25 -43.28
CA HIS C 171 -17.50 -50.78 -43.32
C HIS C 171 -18.14 -50.06 -42.12
N GLN C 172 -17.52 -50.15 -40.94
CA GLN C 172 -18.04 -49.45 -39.71
C GLN C 172 -17.14 -49.72 -38.47
N VAL C 173 -17.35 -48.94 -37.39
CA VAL C 173 -16.56 -49.00 -36.15
C VAL C 173 -16.66 -50.37 -35.46
N VAL C 174 -15.56 -50.79 -34.82
CA VAL C 174 -15.59 -51.95 -33.89
C VAL C 174 -15.57 -51.53 -32.39
N THR C 175 -15.81 -52.49 -31.48
CA THR C 175 -16.17 -52.11 -30.09
C THR C 175 -15.83 -52.98 -28.82
N ARG C 176 -14.98 -52.35 -28.00
CA ARG C 176 -14.46 -52.76 -26.70
C ARG C 176 -14.94 -51.79 -25.63
N TRP C 177 -15.86 -50.89 -25.97
CA TRP C 177 -16.35 -49.91 -25.05
C TRP C 177 -17.21 -50.62 -24.00
N TYR C 178 -17.37 -51.94 -24.12
CA TYR C 178 -18.22 -52.70 -23.22
C TYR C 178 -17.42 -53.74 -22.44
N ARG C 179 -16.12 -53.77 -22.70
CA ARG C 179 -15.17 -54.55 -21.92
C ARG C 179 -15.11 -54.10 -20.48
N ALA C 180 -15.38 -55.04 -19.59
CA ALA C 180 -15.17 -54.83 -18.19
C ALA C 180 -13.67 -54.62 -17.96
N PRO C 181 -13.30 -53.95 -16.87
CA PRO C 181 -11.91 -53.76 -16.53
C PRO C 181 -11.25 -55.08 -16.20
N GLU C 182 -12.02 -56.05 -15.74
CA GLU C 182 -11.43 -57.29 -15.34
C GLU C 182 -10.73 -57.78 -16.59
N LEU C 183 -11.43 -57.73 -17.72
CA LEU C 183 -10.87 -58.21 -18.99
C LEU C 183 -9.87 -57.26 -19.63
N LEU C 184 -10.02 -55.98 -19.33
CA LEU C 184 -9.14 -54.95 -19.86
C LEU C 184 -7.85 -55.06 -19.07
N PHE C 185 -7.93 -55.54 -17.84
CA PHE C 185 -6.73 -55.77 -17.09
C PHE C 185 -6.29 -57.17 -17.35
N GLY C 186 -6.93 -57.78 -18.35
CA GLY C 186 -6.49 -59.07 -18.88
C GLY C 186 -6.62 -60.22 -17.91
N ALA C 187 -7.79 -60.34 -17.28
CA ALA C 187 -8.12 -61.53 -16.50
C ALA C 187 -8.20 -62.73 -17.47
N ARG C 188 -7.65 -63.88 -17.09
CA ARG C 188 -7.81 -65.09 -17.89
C ARG C 188 -8.86 -65.99 -17.27
N MET C 189 -9.71 -65.41 -16.43
CA MET C 189 -10.76 -66.15 -15.71
C MET C 189 -11.83 -65.17 -15.32
N TYR C 190 -13.02 -65.38 -15.80
CA TYR C 190 -13.99 -64.35 -15.63
C TYR C 190 -15.28 -65.08 -15.71
N GLY C 191 -16.36 -64.38 -15.40
CA GLY C 191 -17.66 -64.92 -15.50
C GLY C 191 -18.64 -63.80 -15.64
N VAL C 192 -19.88 -64.12 -15.37
CA VAL C 192 -20.98 -63.16 -15.25
C VAL C 192 -20.60 -61.70 -15.36
N GLY C 193 -19.62 -61.26 -14.59
CA GLY C 193 -19.37 -59.82 -14.52
C GLY C 193 -19.13 -59.11 -15.85
N VAL C 194 -18.39 -59.80 -16.72
CA VAL C 194 -18.14 -59.42 -18.09
C VAL C 194 -19.41 -58.96 -18.79
N ASP C 195 -20.41 -59.83 -18.84
CA ASP C 195 -21.70 -59.46 -19.39
C ASP C 195 -22.32 -58.27 -18.67
N MET C 196 -22.31 -58.34 -17.35
CA MET C 196 -23.01 -57.34 -16.56
C MET C 196 -22.53 -55.95 -16.87
N TRP C 197 -21.21 -55.85 -16.96
CA TRP C 197 -20.57 -54.58 -17.12
C TRP C 197 -21.07 -54.01 -18.42
N ALA C 198 -21.07 -54.80 -19.49
CA ALA C 198 -21.55 -54.36 -20.80
C ALA C 198 -22.94 -53.73 -20.70
N VAL C 199 -23.83 -54.48 -20.06
CA VAL C 199 -25.17 -54.03 -19.73
C VAL C 199 -25.07 -52.66 -19.08
N GLY C 200 -24.16 -52.53 -18.12
CA GLY C 200 -23.87 -51.22 -17.52
C GLY C 200 -23.78 -50.14 -18.58
N CYS C 201 -22.82 -50.30 -19.48
CA CYS C 201 -22.56 -49.39 -20.58
C CYS C 201 -23.72 -49.27 -21.56
N ILE C 202 -24.49 -50.33 -21.73
CA ILE C 202 -25.64 -50.20 -22.59
C ILE C 202 -26.59 -49.28 -21.85
N LEU C 203 -26.82 -49.58 -20.58
CA LEU C 203 -27.73 -48.78 -19.79
C LEU C 203 -27.25 -47.35 -19.81
N ALA C 204 -25.94 -47.15 -19.69
CA ALA C 204 -25.33 -45.83 -19.87
C ALA C 204 -25.63 -45.24 -21.26
N GLU C 205 -25.35 -45.97 -22.33
CA GLU C 205 -25.61 -45.45 -23.69
C GLU C 205 -27.06 -45.06 -23.92
N LEU C 206 -27.96 -45.75 -23.24
CA LEU C 206 -29.37 -45.41 -23.28
C LEU C 206 -29.71 -44.09 -22.56
N LEU C 207 -29.17 -43.89 -21.36
CA LEU C 207 -29.39 -42.64 -20.68
C LEU C 207 -28.75 -41.53 -21.47
N LEU C 208 -27.56 -41.79 -22.00
CA LEU C 208 -26.78 -40.76 -22.66
C LEU C 208 -26.92 -40.60 -24.19
N ARG C 209 -27.47 -41.61 -24.87
CA ARG C 209 -27.56 -41.49 -26.32
C ARG C 209 -26.21 -41.26 -26.99
N VAL C 210 -25.14 -41.51 -26.26
CA VAL C 210 -23.76 -41.53 -26.82
C VAL C 210 -22.98 -42.69 -26.20
N PRO C 211 -22.17 -43.43 -26.96
CA PRO C 211 -21.22 -44.35 -26.36
C PRO C 211 -20.66 -43.75 -25.08
N PHE C 212 -20.74 -44.51 -23.99
CA PHE C 212 -20.46 -44.02 -22.66
C PHE C 212 -18.98 -43.95 -22.43
N LEU C 213 -18.27 -44.99 -22.80
CA LEU C 213 -16.85 -45.08 -22.50
C LEU C 213 -16.08 -45.41 -23.78
N PRO C 214 -16.03 -44.43 -24.70
CA PRO C 214 -15.66 -44.70 -26.09
C PRO C 214 -14.17 -44.69 -26.24
N GLY C 215 -13.51 -45.71 -25.74
CA GLY C 215 -12.06 -45.67 -25.67
C GLY C 215 -11.48 -46.21 -26.95
N ASP C 216 -10.37 -45.62 -27.39
CA ASP C 216 -9.67 -46.04 -28.63
C ASP C 216 -8.60 -47.10 -28.42
N SER C 217 -8.21 -47.35 -27.19
CA SER C 217 -7.35 -48.51 -26.93
C SER C 217 -7.80 -49.17 -25.68
N ASP C 218 -7.21 -50.31 -25.37
CA ASP C 218 -7.51 -50.94 -24.11
C ASP C 218 -7.07 -50.02 -22.97
N LEU C 219 -5.90 -49.40 -23.12
CA LEU C 219 -5.45 -48.43 -22.13
C LEU C 219 -6.31 -47.15 -22.07
N ASP C 220 -6.77 -46.66 -23.21
CA ASP C 220 -7.63 -45.49 -23.26
C ASP C 220 -8.97 -45.88 -22.64
N GLN C 221 -9.35 -47.13 -22.82
CA GLN C 221 -10.56 -47.60 -22.21
C GLN C 221 -10.56 -47.53 -20.67
N LEU C 222 -9.42 -47.88 -20.06
CA LEU C 222 -9.29 -47.98 -18.61
C LEU C 222 -9.32 -46.60 -18.00
N THR C 223 -8.72 -45.65 -18.70
CA THR C 223 -8.67 -44.32 -18.18
C THR C 223 -10.05 -43.71 -18.34
N ARG C 224 -10.70 -43.92 -19.46
CA ARG C 224 -12.10 -43.53 -19.50
C ARG C 224 -12.89 -44.20 -18.37
N ILE C 225 -12.54 -45.42 -18.01
CA ILE C 225 -13.30 -46.03 -16.97
C ILE C 225 -12.91 -45.37 -15.69
N PHE C 226 -11.63 -45.20 -15.42
CA PHE C 226 -11.27 -44.78 -14.07
C PHE C 226 -11.51 -43.34 -13.85
N GLU C 227 -11.68 -42.55 -14.90
CA GLU C 227 -11.81 -41.13 -14.67
C GLU C 227 -13.28 -40.76 -14.64
N THR C 228 -14.12 -41.68 -15.10
CA THR C 228 -15.54 -41.47 -15.10
C THR C 228 -16.11 -42.07 -13.85
N LEU C 229 -15.81 -43.35 -13.61
CA LEU C 229 -16.17 -44.05 -12.38
C LEU C 229 -15.14 -44.01 -11.22
N GLY C 230 -14.00 -43.37 -11.38
CA GLY C 230 -13.09 -43.27 -10.27
C GLY C 230 -12.03 -44.36 -10.31
N THR C 231 -10.92 -44.13 -9.61
CA THR C 231 -9.93 -45.18 -9.48
C THR C 231 -10.42 -46.11 -8.40
N PRO C 232 -10.60 -47.38 -8.75
CA PRO C 232 -10.94 -48.39 -7.76
C PRO C 232 -9.87 -48.43 -6.71
N THR C 233 -10.29 -48.36 -5.44
CA THR C 233 -9.39 -48.50 -4.31
C THR C 233 -8.99 -49.97 -4.13
N GLU C 234 -7.99 -50.19 -3.27
CA GLU C 234 -7.52 -51.52 -2.91
C GLU C 234 -8.65 -52.26 -2.24
N GLU C 235 -9.42 -51.57 -1.41
CA GLU C 235 -10.44 -52.27 -0.72
C GLU C 235 -11.78 -52.22 -1.45
N GLN C 236 -11.73 -51.76 -2.70
CA GLN C 236 -12.87 -51.77 -3.61
C GLN C 236 -12.73 -52.95 -4.53
N TRP C 237 -11.56 -53.03 -5.14
CA TRP C 237 -11.18 -54.17 -5.91
C TRP C 237 -9.87 -54.67 -5.31
N PRO C 238 -9.94 -55.55 -4.30
CA PRO C 238 -8.71 -56.16 -3.79
C PRO C 238 -8.27 -57.08 -4.91
N ASP C 239 -7.00 -57.43 -4.99
CA ASP C 239 -6.63 -58.44 -5.97
C ASP C 239 -6.44 -57.88 -7.35
N MET C 240 -6.74 -56.60 -7.50
CA MET C 240 -6.73 -55.95 -8.77
C MET C 240 -5.31 -55.85 -9.31
N CYS C 241 -4.37 -55.81 -8.40
CA CYS C 241 -2.97 -55.60 -8.73
C CYS C 241 -2.30 -56.89 -9.05
N SER C 242 -3.12 -57.93 -9.13
CA SER C 242 -2.63 -59.24 -9.45
C SER C 242 -3.13 -59.59 -10.83
N LEU C 243 -3.95 -58.72 -11.41
CA LEU C 243 -4.42 -58.89 -12.78
C LEU C 243 -3.21 -58.97 -13.71
N PRO C 244 -3.23 -59.92 -14.66
CA PRO C 244 -2.12 -60.03 -15.59
C PRO C 244 -1.83 -58.69 -16.28
N ASP C 245 -2.74 -58.15 -17.07
CA ASP C 245 -2.42 -56.89 -17.74
C ASP C 245 -2.69 -55.67 -16.90
N TYR C 246 -2.76 -55.86 -15.58
CA TYR C 246 -2.85 -54.75 -14.63
C TYR C 246 -1.84 -53.65 -14.90
N VAL C 247 -2.33 -52.41 -14.86
CA VAL C 247 -1.54 -51.22 -15.09
C VAL C 247 -1.85 -50.24 -13.97
N THR C 248 -0.88 -49.46 -13.53
CA THR C 248 -1.19 -48.46 -12.50
C THR C 248 -1.60 -47.12 -13.09
N PHE C 249 -2.69 -46.57 -12.56
CA PHE C 249 -3.32 -45.34 -13.07
C PHE C 249 -3.31 -44.24 -12.03
N LYS C 250 -3.07 -43.01 -12.52
CA LYS C 250 -3.31 -41.78 -11.78
C LYS C 250 -4.59 -41.99 -11.02
N SER C 251 -4.62 -41.60 -9.76
CA SER C 251 -5.84 -41.83 -8.98
C SER C 251 -6.83 -40.75 -9.31
N PHE C 252 -8.00 -41.14 -9.83
CA PHE C 252 -9.09 -40.20 -10.12
C PHE C 252 -10.19 -40.45 -9.10
N PRO C 253 -10.97 -39.41 -8.78
CA PRO C 253 -12.11 -39.53 -7.85
C PRO C 253 -13.41 -39.95 -8.56
N GLY C 254 -13.48 -39.68 -9.85
CA GLY C 254 -14.61 -40.07 -10.65
C GLY C 254 -15.72 -39.08 -10.53
N ILE C 255 -16.57 -39.04 -11.55
CA ILE C 255 -17.78 -38.22 -11.53
C ILE C 255 -18.83 -38.94 -10.74
N PRO C 256 -19.38 -38.27 -9.74
CA PRO C 256 -20.58 -38.75 -9.09
C PRO C 256 -21.61 -39.20 -10.09
N LEU C 257 -22.31 -40.24 -9.72
CA LEU C 257 -23.14 -40.93 -10.62
C LEU C 257 -24.33 -40.08 -11.02
N HIS C 258 -24.82 -39.26 -10.09
CA HIS C 258 -26.03 -38.45 -10.34
C HIS C 258 -25.71 -37.41 -11.36
N HIS C 259 -24.48 -36.89 -11.29
CA HIS C 259 -23.97 -35.92 -12.26
C HIS C 259 -23.73 -36.50 -13.65
N ILE C 260 -23.29 -37.74 -13.77
CA ILE C 260 -23.08 -38.33 -15.08
C ILE C 260 -24.44 -38.51 -15.73
N PHE C 261 -25.35 -39.10 -14.98
CA PHE C 261 -26.70 -39.40 -15.48
C PHE C 261 -27.69 -38.53 -14.77
N SER C 262 -27.82 -37.31 -15.24
CA SER C 262 -28.58 -36.33 -14.45
C SER C 262 -30.06 -36.63 -14.45
N ALA C 263 -30.48 -37.56 -15.31
CA ALA C 263 -31.88 -37.97 -15.43
C ALA C 263 -32.25 -39.24 -14.67
N ALA C 264 -31.27 -39.89 -14.02
CA ALA C 264 -31.51 -41.13 -13.27
C ALA C 264 -32.01 -40.85 -11.87
N GLY C 265 -33.00 -41.63 -11.43
CA GLY C 265 -33.49 -41.62 -10.07
C GLY C 265 -32.62 -42.55 -9.26
N ASP C 266 -32.56 -42.37 -7.94
CA ASP C 266 -31.73 -43.24 -7.09
C ASP C 266 -31.85 -44.75 -7.42
N ASP C 267 -33.07 -45.27 -7.60
CA ASP C 267 -33.27 -46.67 -8.04
C ASP C 267 -32.46 -47.07 -9.28
N LEU C 268 -32.41 -46.20 -10.27
CA LEU C 268 -31.60 -46.45 -11.44
C LEU C 268 -30.14 -46.29 -11.08
N LEU C 269 -29.83 -45.22 -10.35
CA LEU C 269 -28.46 -44.97 -9.95
C LEU C 269 -27.97 -46.19 -9.28
N ASP C 270 -28.79 -46.75 -8.40
CA ASP C 270 -28.41 -47.93 -7.63
C ASP C 270 -28.16 -49.08 -8.58
N LEU C 271 -28.98 -49.22 -9.60
CA LEU C 271 -28.70 -50.26 -10.56
C LEU C 271 -27.38 -49.96 -11.29
N ILE C 272 -27.15 -48.75 -11.77
CA ILE C 272 -25.89 -48.48 -12.48
C ILE C 272 -24.71 -48.73 -11.54
N GLN C 273 -24.81 -48.21 -10.32
CA GLN C 273 -23.77 -48.36 -9.33
C GLN C 273 -23.35 -49.80 -9.44
N GLY C 274 -24.33 -50.66 -9.25
CA GLY C 274 -24.10 -52.08 -9.11
C GLY C 274 -23.50 -52.71 -10.35
N LEU C 275 -23.83 -52.18 -11.53
CA LEU C 275 -23.31 -52.76 -12.75
C LEU C 275 -21.89 -52.33 -12.93
N PHE C 276 -21.58 -51.14 -12.46
CA PHE C 276 -20.22 -50.70 -12.60
C PHE C 276 -19.29 -50.97 -11.41
N LEU C 277 -19.75 -51.73 -10.42
CA LEU C 277 -18.84 -52.14 -9.35
C LEU C 277 -17.58 -52.78 -9.94
N PHE C 278 -16.40 -52.29 -9.55
CA PHE C 278 -15.15 -52.80 -10.16
C PHE C 278 -14.96 -54.30 -9.91
N ASN C 279 -14.98 -54.70 -8.65
CA ASN C 279 -14.84 -56.10 -8.29
C ASN C 279 -15.84 -57.02 -8.99
N PRO C 280 -15.32 -57.90 -9.87
CA PRO C 280 -16.16 -58.80 -10.63
C PRO C 280 -16.98 -59.70 -9.75
N CYS C 281 -16.57 -59.95 -8.52
CA CYS C 281 -17.49 -60.61 -7.57
C CYS C 281 -18.48 -59.70 -6.87
N ALA C 282 -18.14 -58.41 -6.72
CA ALA C 282 -19.02 -57.47 -6.08
C ALA C 282 -20.13 -57.17 -7.05
N ARG C 283 -19.79 -57.21 -8.31
CA ARG C 283 -20.66 -56.66 -9.32
C ARG C 283 -21.96 -57.40 -9.44
N ILE C 284 -23.04 -56.65 -9.36
CA ILE C 284 -24.40 -57.21 -9.51
C ILE C 284 -24.55 -58.30 -10.61
N THR C 285 -25.29 -59.37 -10.27
CA THR C 285 -25.66 -60.36 -11.28
C THR C 285 -26.96 -59.96 -12.00
N ALA C 286 -27.30 -60.68 -13.06
CA ALA C 286 -28.48 -60.32 -13.83
C ALA C 286 -29.68 -60.56 -12.94
N THR C 287 -29.75 -61.75 -12.35
CA THR C 287 -30.78 -62.02 -11.33
C THR C 287 -30.89 -60.89 -10.33
N GLN C 288 -29.79 -60.59 -9.68
CA GLN C 288 -29.80 -59.68 -8.60
C GLN C 288 -30.32 -58.33 -9.05
N ALA C 289 -29.96 -57.95 -10.27
CA ALA C 289 -30.34 -56.67 -10.82
C ALA C 289 -31.83 -56.60 -10.99
N LEU C 290 -32.41 -57.59 -11.67
CA LEU C 290 -33.86 -57.70 -11.86
C LEU C 290 -34.63 -57.68 -10.56
N LYS C 291 -34.01 -58.08 -9.46
CA LYS C 291 -34.68 -58.12 -8.16
C LYS C 291 -34.47 -56.78 -7.49
N MET C 292 -34.34 -55.74 -8.31
CA MET C 292 -33.97 -54.44 -7.78
C MET C 292 -35.11 -53.52 -7.94
N LYS C 293 -35.26 -52.60 -6.97
CA LYS C 293 -36.34 -51.61 -6.97
C LYS C 293 -36.57 -50.99 -8.35
N TYR C 294 -35.53 -50.46 -9.00
CA TYR C 294 -35.65 -49.98 -10.38
C TYR C 294 -36.70 -50.71 -11.24
N PHE C 295 -36.75 -52.03 -11.16
CA PHE C 295 -37.65 -52.78 -12.03
C PHE C 295 -39.06 -52.87 -11.49
N SER C 296 -39.19 -52.89 -10.17
CA SER C 296 -40.46 -52.90 -9.47
C SER C 296 -40.91 -51.49 -9.00
N ASN C 297 -40.42 -50.45 -9.67
CA ASN C 297 -40.71 -49.07 -9.29
C ASN C 297 -41.48 -48.39 -10.38
N ARG C 298 -41.68 -47.09 -10.24
CA ARG C 298 -42.87 -46.53 -10.80
C ARG C 298 -43.28 -46.50 -12.25
N PRO C 299 -42.52 -45.82 -13.12
CA PRO C 299 -42.79 -45.98 -14.54
C PRO C 299 -42.48 -47.45 -14.82
N GLY C 300 -43.44 -48.22 -15.30
CA GLY C 300 -43.19 -49.60 -15.64
C GLY C 300 -42.57 -49.59 -17.00
N PRO C 301 -41.89 -50.67 -17.37
CA PRO C 301 -41.33 -50.81 -18.71
C PRO C 301 -42.44 -50.61 -19.74
N THR C 302 -42.23 -49.78 -20.76
CA THR C 302 -43.32 -49.58 -21.70
C THR C 302 -43.43 -50.79 -22.62
N PRO C 303 -44.65 -51.18 -23.02
CA PRO C 303 -44.86 -52.41 -23.81
C PRO C 303 -44.18 -52.42 -25.17
N GLY C 304 -43.82 -53.61 -25.64
CA GLY C 304 -43.07 -53.79 -26.88
C GLY C 304 -43.62 -53.15 -28.16
N CYS C 305 -44.94 -53.03 -28.25
CA CYS C 305 -45.56 -52.34 -29.38
C CYS C 305 -45.51 -50.82 -29.20
N GLN C 306 -45.33 -50.36 -27.96
CA GLN C 306 -45.19 -48.92 -27.61
C GLN C 306 -43.73 -48.48 -27.59
N LEU C 307 -42.83 -49.44 -27.62
CA LEU C 307 -41.45 -49.15 -27.87
C LEU C 307 -41.34 -48.55 -29.25
N PRO C 308 -40.60 -47.45 -29.35
CA PRO C 308 -40.51 -46.66 -30.57
C PRO C 308 -39.71 -47.34 -31.65
N ARG C 309 -40.11 -47.14 -32.89
CA ARG C 309 -39.39 -47.68 -34.03
C ARG C 309 -38.82 -46.56 -34.93
N PRO C 310 -37.91 -46.91 -35.83
CA PRO C 310 -37.21 -45.90 -36.60
C PRO C 310 -37.82 -45.58 -37.98
N ASN C 311 -38.25 -44.30 -38.11
CA ASN C 311 -38.69 -43.66 -39.37
C ASN C 311 -39.73 -44.42 -40.16
N GLU D 13 -5.39 20.36 6.04
CA GLU D 13 -6.24 19.14 5.87
C GLU D 13 -5.92 18.37 4.59
N LYS D 14 -5.42 17.15 4.78
CA LYS D 14 -5.15 16.18 3.70
C LYS D 14 -6.25 16.18 2.63
N LEU D 15 -5.90 16.59 1.41
CA LEU D 15 -6.87 16.69 0.32
C LEU D 15 -6.74 15.57 -0.71
N ASP D 16 -5.54 15.01 -0.84
CA ASP D 16 -5.14 14.14 -1.97
C ASP D 16 -3.84 13.43 -1.61
N PHE D 17 -3.54 12.35 -2.33
CA PHE D 17 -2.20 11.81 -2.32
C PHE D 17 -1.52 12.25 -3.59
N LEU D 18 -0.28 12.73 -3.45
CA LEU D 18 0.49 13.23 -4.58
C LEU D 18 1.72 12.37 -4.92
N GLY D 19 2.02 11.38 -4.08
CA GLY D 19 3.09 10.44 -4.41
C GLY D 19 4.09 10.42 -3.29
N GLU D 20 4.96 9.42 -3.29
CA GLU D 20 6.09 9.46 -2.37
C GLU D 20 7.37 9.83 -3.10
N GLY D 21 8.36 10.18 -2.30
CA GLY D 21 9.67 10.52 -2.80
C GLY D 21 10.66 9.86 -1.87
N GLN D 22 11.89 9.69 -2.37
CA GLN D 22 12.97 9.07 -1.60
C GLN D 22 12.76 9.05 -0.08
N PHE D 23 12.59 10.22 0.53
CA PHE D 23 12.63 10.32 1.99
C PHE D 23 11.45 11.09 2.60
N ALA D 24 10.30 11.00 1.93
CA ALA D 24 9.04 11.61 2.39
C ALA D 24 7.83 11.21 1.53
N THR D 25 6.66 11.21 2.15
CA THR D 25 5.41 10.96 1.47
C THR D 25 4.75 12.34 1.32
N VAL D 26 4.24 12.63 0.12
CA VAL D 26 3.68 13.96 -0.19
C VAL D 26 2.14 13.93 -0.32
N TYR D 27 1.50 14.87 0.39
CA TYR D 27 0.04 14.97 0.53
C TYR D 27 -0.44 16.40 0.20
N LYS D 28 -1.20 16.55 -0.90
CA LYS D 28 -1.89 17.81 -1.24
C LYS D 28 -2.85 18.21 -0.13
N ALA D 29 -2.87 19.49 0.24
CA ALA D 29 -3.69 19.97 1.36
C ALA D 29 -4.05 21.46 1.39
N ARG D 30 -4.99 21.79 2.28
CA ARG D 30 -5.23 23.15 2.75
C ARG D 30 -4.88 23.10 4.24
N ASP D 31 -3.81 23.79 4.63
CA ASP D 31 -3.10 23.52 5.91
C ASP D 31 -3.93 23.77 7.18
N LYS D 32 -3.36 23.45 8.34
CA LYS D 32 -3.84 24.03 9.58
C LYS D 32 -3.86 25.53 9.27
N ASN D 33 -5.09 26.07 9.21
CA ASN D 33 -5.47 27.46 8.79
C ASN D 33 -5.61 27.66 7.26
N THR D 34 -4.46 27.55 6.57
CA THR D 34 -4.25 28.06 5.22
C THR D 34 -5.48 27.99 4.33
N ASN D 35 -5.84 29.16 3.82
CA ASN D 35 -6.92 29.35 2.86
C ASN D 35 -6.67 28.67 1.51
N GLN D 36 -5.39 28.36 1.26
CA GLN D 36 -4.84 27.92 -0.03
C GLN D 36 -4.41 26.45 -0.12
N ILE D 37 -4.42 25.94 -1.35
CA ILE D 37 -3.83 24.65 -1.69
C ILE D 37 -2.34 24.75 -1.45
N VAL D 38 -1.81 23.78 -0.71
CA VAL D 38 -0.38 23.69 -0.44
C VAL D 38 -0.01 22.21 -0.35
N ALA D 39 1.19 21.87 -0.83
CA ALA D 39 1.71 20.51 -0.70
C ALA D 39 2.56 20.32 0.57
N ILE D 40 2.34 19.18 1.22
CA ILE D 40 3.02 18.83 2.47
C ILE D 40 3.79 17.54 2.24
N LYS D 41 4.93 17.38 2.88
CA LYS D 41 5.70 16.13 2.81
C LYS D 41 5.85 15.58 4.21
N LYS D 42 5.68 14.27 4.35
CA LYS D 42 5.70 13.63 5.67
C LYS D 42 6.92 12.74 5.92
N ILE D 43 7.79 13.14 6.85
CA ILE D 43 8.93 12.31 7.24
C ILE D 43 8.57 11.40 8.40
N ASN D 56 18.41 15.95 15.10
CA ASN D 56 19.59 16.29 14.29
C ASN D 56 20.18 17.62 14.67
N ARG D 57 19.29 18.59 14.91
CA ARG D 57 19.62 20.02 14.89
C ARG D 57 20.03 20.51 13.48
N THR D 58 20.75 19.67 12.71
CA THR D 58 21.05 19.95 11.28
C THR D 58 19.78 20.40 10.54
N ALA D 59 18.63 19.90 11.03
CA ALA D 59 17.31 20.21 10.48
C ALA D 59 16.74 21.55 10.96
N LEU D 60 16.90 21.82 12.26
CA LEU D 60 16.47 23.10 12.85
C LEU D 60 17.06 24.30 12.08
N ARG D 61 18.21 24.03 11.42
CA ARG D 61 18.88 24.98 10.53
C ARG D 61 18.26 25.00 9.15
N GLU D 62 18.32 23.86 8.46
CA GLU D 62 18.00 23.75 7.04
C GLU D 62 16.63 24.28 6.72
N ILE D 63 15.72 24.08 7.68
CA ILE D 63 14.34 24.55 7.58
C ILE D 63 14.23 26.07 7.71
N LYS D 64 14.80 26.63 8.79
CA LYS D 64 14.95 28.09 8.92
C LYS D 64 15.57 28.65 7.65
N LEU D 65 16.67 28.03 7.24
CA LEU D 65 17.36 28.37 6.00
C LEU D 65 16.40 28.47 4.82
N LEU D 66 15.78 27.37 4.44
CA LEU D 66 14.95 27.40 3.24
C LEU D 66 13.81 28.40 3.37
N GLN D 67 13.04 28.30 4.46
CA GLN D 67 11.92 29.21 4.65
C GLN D 67 12.37 30.64 4.30
N GLU D 68 13.46 31.06 4.96
CA GLU D 68 13.98 32.42 4.86
C GLU D 68 14.19 32.89 3.42
N LEU D 69 14.52 31.97 2.53
CA LEU D 69 14.72 32.34 1.13
C LEU D 69 13.42 32.79 0.49
N SER D 70 13.52 33.85 -0.30
CA SER D 70 12.39 34.46 -0.95
C SER D 70 12.71 34.82 -2.40
N HIS D 71 12.31 33.95 -3.31
CA HIS D 71 12.52 34.22 -4.70
C HIS D 71 11.37 33.67 -5.52
N PRO D 72 10.93 34.43 -6.52
CA PRO D 72 9.91 33.94 -7.44
C PRO D 72 10.20 32.50 -7.84
N ASN D 73 11.49 32.19 -8.00
CA ASN D 73 11.91 30.94 -8.64
C ASN D 73 12.40 29.83 -7.71
N ILE D 74 12.01 29.90 -6.44
CA ILE D 74 12.43 28.89 -5.49
C ILE D 74 11.25 28.53 -4.63
N ILE D 75 10.99 27.23 -4.50
CA ILE D 75 9.87 26.82 -3.69
C ILE D 75 9.96 27.46 -2.30
N GLY D 76 8.87 28.08 -1.89
CA GLY D 76 8.78 28.66 -0.57
C GLY D 76 8.30 27.60 0.38
N LEU D 77 9.05 27.38 1.44
CA LEU D 77 8.58 26.52 2.52
C LEU D 77 7.72 27.40 3.40
N LEU D 78 6.45 27.05 3.54
CA LEU D 78 5.48 27.94 4.18
C LEU D 78 5.25 27.69 5.67
N ASP D 79 5.92 26.70 6.23
CA ASP D 79 5.62 26.22 7.58
C ASP D 79 6.09 24.77 7.67
N ALA D 80 6.55 24.37 8.84
CA ALA D 80 6.82 22.97 9.13
C ALA D 80 6.67 22.76 10.61
N PHE D 81 6.08 21.63 11.01
CA PHE D 81 5.82 21.42 12.44
C PHE D 81 6.81 20.49 13.17
N GLY D 82 7.08 20.86 14.43
CA GLY D 82 8.23 20.37 15.20
C GLY D 82 7.93 19.58 16.45
N HIS D 83 8.11 18.27 16.34
CA HIS D 83 8.25 17.30 17.44
C HIS D 83 8.64 15.94 16.85
N LYS D 84 9.33 15.09 17.62
CA LYS D 84 9.95 13.85 17.07
C LYS D 84 9.02 12.80 16.38
N SER D 85 7.73 12.77 16.76
CA SER D 85 6.77 11.74 16.25
C SER D 85 6.82 11.51 14.72
N ASN D 86 6.62 12.59 13.95
CA ASN D 86 6.93 12.64 12.50
C ASN D 86 6.97 14.05 11.92
N ILE D 87 8.06 14.40 11.24
CA ILE D 87 8.21 15.76 10.72
C ILE D 87 7.53 15.95 9.37
N SER D 88 6.81 17.07 9.27
CA SER D 88 5.93 17.35 8.15
C SER D 88 6.14 18.78 7.66
N LEU D 89 6.57 18.89 6.40
CA LEU D 89 6.98 20.17 5.81
C LEU D 89 6.01 20.61 4.71
N VAL D 90 5.79 21.93 4.63
CA VAL D 90 4.76 22.50 3.74
C VAL D 90 5.28 23.50 2.71
N PHE D 91 5.04 23.19 1.45
CA PHE D 91 5.50 24.05 0.37
C PHE D 91 4.28 24.56 -0.31
N ASP D 92 4.39 25.61 -1.11
CA ASP D 92 3.24 25.97 -1.92
C ASP D 92 3.11 24.97 -3.05
N PHE D 93 1.87 24.72 -3.47
CA PHE D 93 1.58 23.63 -4.39
C PHE D 93 1.77 24.06 -5.85
N MET D 94 2.02 23.08 -6.72
CA MET D 94 2.38 23.34 -8.12
C MET D 94 2.01 22.13 -8.99
N GLU D 95 1.14 22.39 -9.98
CA GLU D 95 0.43 21.34 -10.72
C GLU D 95 1.34 20.15 -10.96
N THR D 96 2.38 20.38 -11.77
CA THR D 96 3.42 19.39 -12.01
C THR D 96 4.77 20.06 -12.02
N ASP D 97 5.65 19.42 -12.80
CA ASP D 97 7.05 19.72 -12.83
C ASP D 97 7.60 19.45 -14.20
N LEU D 98 8.91 19.65 -14.34
CA LEU D 98 9.52 19.59 -15.63
C LEU D 98 9.75 18.15 -16.01
N GLU D 99 9.73 17.22 -15.05
CA GLU D 99 9.81 15.81 -15.43
C GLU D 99 8.55 15.44 -16.21
N VAL D 100 7.37 15.56 -15.61
CA VAL D 100 6.16 15.18 -16.33
C VAL D 100 6.06 15.85 -17.71
N ILE D 101 6.36 17.15 -17.80
CA ILE D 101 6.38 17.82 -19.10
C ILE D 101 7.34 17.09 -20.05
N ILE D 102 8.66 17.20 -19.83
CA ILE D 102 9.62 16.64 -20.79
C ILE D 102 9.45 15.14 -20.93
N LYS D 103 9.29 14.45 -19.79
CA LYS D 103 8.95 13.02 -19.79
C LYS D 103 7.57 12.85 -20.39
N ASP D 104 7.24 11.62 -20.72
CA ASP D 104 6.28 11.28 -21.74
C ASP D 104 5.02 12.16 -21.88
N ASN D 105 5.18 13.49 -21.72
CA ASN D 105 4.17 14.37 -22.26
C ASN D 105 4.41 14.56 -23.75
N SER D 106 3.94 13.55 -24.48
CA SER D 106 3.86 13.51 -25.91
C SER D 106 2.80 14.50 -26.41
N LEU D 107 1.75 14.74 -25.61
CA LEU D 107 0.74 15.74 -25.98
C LEU D 107 1.43 17.10 -26.08
N VAL D 108 2.66 17.18 -25.59
CA VAL D 108 3.22 18.48 -25.35
C VAL D 108 4.51 18.71 -26.13
N LEU D 109 4.41 19.43 -27.24
CA LEU D 109 5.58 19.79 -28.06
C LEU D 109 6.20 21.12 -27.58
N THR D 110 7.50 21.14 -27.30
CA THR D 110 8.19 22.29 -26.66
C THR D 110 9.16 23.08 -27.60
N PRO D 111 8.76 24.25 -28.09
CA PRO D 111 9.55 25.04 -29.03
C PRO D 111 10.20 26.32 -28.46
N SER D 112 11.33 26.20 -27.77
CA SER D 112 11.94 27.35 -27.06
C SER D 112 10.98 27.97 -26.00
N HIS D 113 10.01 27.16 -25.57
CA HIS D 113 9.38 27.26 -24.26
C HIS D 113 10.52 26.94 -23.32
N ILE D 114 11.29 25.92 -23.69
CA ILE D 114 12.61 25.70 -23.20
C ILE D 114 13.24 27.02 -22.77
N LYS D 115 13.39 27.98 -23.69
CA LYS D 115 14.00 29.26 -23.31
C LYS D 115 13.33 29.92 -22.10
N ALA D 116 12.03 29.72 -21.93
CA ALA D 116 11.38 30.18 -20.70
C ALA D 116 11.86 29.34 -19.52
N TYR D 117 11.67 28.01 -19.59
CA TYR D 117 12.11 27.11 -18.52
C TYR D 117 13.55 27.36 -18.01
N MET D 118 14.50 27.34 -18.93
CA MET D 118 15.87 27.61 -18.56
C MET D 118 15.94 28.93 -17.81
N LEU D 119 15.42 29.98 -18.44
CA LEU D 119 15.49 31.35 -17.91
C LEU D 119 15.05 31.48 -16.45
N MET D 120 14.17 30.60 -16.01
CA MET D 120 13.70 30.63 -14.64
C MET D 120 14.51 29.73 -13.73
N THR D 121 14.93 28.58 -14.24
CA THR D 121 15.82 27.73 -13.46
C THR D 121 17.06 28.50 -13.11
N LEU D 122 17.47 29.39 -14.01
CA LEU D 122 18.71 30.09 -13.82
C LEU D 122 18.58 31.26 -12.89
N GLN D 123 17.48 32.00 -12.98
CA GLN D 123 17.26 33.05 -11.99
C GLN D 123 17.10 32.41 -10.61
N GLY D 124 16.47 31.24 -10.57
CA GLY D 124 16.33 30.47 -9.35
C GLY D 124 17.71 30.20 -8.77
N LEU D 125 18.52 29.47 -9.52
CA LEU D 125 19.87 29.15 -9.14
C LEU D 125 20.72 30.37 -8.76
N GLU D 126 20.72 31.36 -9.65
CA GLU D 126 21.47 32.57 -9.44
C GLU D 126 21.25 33.12 -8.04
N TYR D 127 20.01 33.01 -7.58
CA TYR D 127 19.67 33.39 -6.24
C TYR D 127 20.30 32.45 -5.22
N LEU D 128 19.94 31.17 -5.19
CA LEU D 128 20.54 30.22 -4.23
C LEU D 128 22.03 30.40 -4.14
N HIS D 129 22.67 30.59 -5.31
CA HIS D 129 24.13 30.72 -5.36
C HIS D 129 24.59 31.99 -4.70
N GLN D 130 24.11 33.14 -5.19
CA GLN D 130 24.31 34.42 -4.47
C GLN D 130 24.13 34.24 -2.95
N HIS D 131 23.22 33.37 -2.54
CA HIS D 131 23.05 33.10 -1.11
C HIS D 131 23.83 31.89 -0.54
N TRP D 132 24.90 31.51 -1.25
CA TRP D 132 25.87 30.48 -0.82
C TRP D 132 25.23 29.12 -0.59
N ILE D 133 24.12 28.89 -1.24
CA ILE D 133 23.54 27.60 -1.12
C ILE D 133 23.69 26.95 -2.47
N LEU D 134 24.31 25.78 -2.50
CA LEU D 134 24.13 24.95 -3.67
C LEU D 134 23.08 23.93 -3.40
N HIS D 135 22.16 23.85 -4.37
CA HIS D 135 21.00 23.00 -4.40
C HIS D 135 21.48 21.66 -4.83
N ARG D 136 21.78 20.77 -3.92
CA ARG D 136 22.58 19.68 -4.46
C ARG D 136 21.88 18.66 -5.39
N ASP D 137 20.57 18.71 -5.58
CA ASP D 137 19.95 17.73 -6.48
C ASP D 137 18.89 18.24 -7.45
N LEU D 138 19.38 19.12 -8.31
CA LEU D 138 18.68 19.49 -9.52
C LEU D 138 18.54 18.27 -10.42
N LYS D 139 17.28 17.94 -10.74
CA LYS D 139 16.92 17.08 -11.84
C LYS D 139 15.63 17.65 -12.39
N PRO D 140 15.01 17.03 -13.38
CA PRO D 140 13.84 17.66 -13.93
C PRO D 140 12.70 17.53 -12.91
N ASN D 141 12.53 16.33 -12.33
CA ASN D 141 11.68 16.08 -11.15
C ASN D 141 11.63 17.25 -10.14
N ASN D 142 12.77 17.82 -9.73
CA ASN D 142 12.77 18.94 -8.77
C ASN D 142 12.63 20.32 -9.39
N LEU D 143 12.35 20.37 -10.69
CA LEU D 143 12.02 21.65 -11.32
C LEU D 143 10.49 21.76 -11.43
N LEU D 144 9.91 22.38 -10.40
CA LEU D 144 8.46 22.50 -10.17
C LEU D 144 7.78 23.63 -10.96
N LEU D 145 6.50 23.44 -11.23
CA LEU D 145 5.72 24.38 -12.04
C LEU D 145 4.30 24.57 -11.52
N ASP D 146 3.90 25.84 -11.36
CA ASP D 146 2.54 26.21 -10.94
C ASP D 146 1.56 26.43 -12.10
N GLU D 147 0.36 26.85 -11.75
CA GLU D 147 -0.73 27.07 -12.71
C GLU D 147 -0.29 28.08 -13.76
N ASN D 148 0.68 28.93 -13.39
CA ASN D 148 1.12 30.03 -14.25
C ASN D 148 2.44 29.83 -15.00
N GLY D 149 3.04 28.65 -14.85
CA GLY D 149 4.35 28.43 -15.43
C GLY D 149 5.35 29.45 -14.89
N VAL D 150 5.22 29.75 -13.60
CA VAL D 150 6.32 30.27 -12.82
C VAL D 150 6.96 28.97 -12.32
N LEU D 151 8.21 28.76 -12.69
CA LEU D 151 8.93 27.55 -12.30
C LEU D 151 9.80 27.85 -11.08
N LYS D 152 9.69 27.00 -10.06
CA LYS D 152 10.47 27.15 -8.83
C LYS D 152 11.30 25.87 -8.61
N LEU D 153 12.47 26.00 -7.98
CA LEU D 153 13.32 24.83 -7.69
C LEU D 153 12.82 24.21 -6.41
N ALA D 154 12.85 22.88 -6.35
CA ALA D 154 12.42 22.16 -5.16
C ALA D 154 13.34 22.41 -3.96
N ASP D 155 13.03 21.82 -2.81
CA ASP D 155 13.89 21.93 -1.63
C ASP D 155 15.21 21.26 -1.87
N PHE D 156 16.29 21.98 -1.60
CA PHE D 156 17.66 21.48 -1.80
C PHE D 156 17.98 20.28 -0.91
N GLY D 157 17.28 19.19 -1.20
CA GLY D 157 17.56 17.89 -0.63
C GLY D 157 17.39 17.87 0.87
N LEU D 158 18.51 18.02 1.57
CA LEU D 158 18.57 17.93 3.05
C LEU D 158 17.69 18.97 3.78
N ALA D 159 17.11 19.89 3.00
CA ALA D 159 16.02 20.76 3.44
C ALA D 159 14.86 19.85 3.72
N LYS D 160 14.96 18.61 3.21
CA LYS D 160 14.10 17.45 3.54
C LYS D 160 14.86 16.13 3.61
N SER D 161 14.67 15.32 2.57
CA SER D 161 15.32 14.01 2.36
C SER D 161 16.53 13.64 3.28
N PHE D 162 17.75 14.07 2.91
CA PHE D 162 18.94 13.77 3.75
C PHE D 162 18.73 14.28 5.18
N GLY D 163 18.42 15.57 5.34
CA GLY D 163 18.31 16.25 6.63
C GLY D 163 17.87 15.46 7.86
N SER D 164 17.01 14.46 7.64
CA SER D 164 16.50 13.57 8.69
C SER D 164 16.84 12.11 8.35
N PRO D 165 16.53 11.14 9.21
CA PRO D 165 16.64 9.71 8.82
C PRO D 165 15.56 9.31 7.79
N ASN D 166 14.83 8.22 8.07
CA ASN D 166 13.60 7.83 7.36
C ASN D 166 13.72 7.70 5.81
N ARG D 167 13.26 6.57 5.28
CA ARG D 167 13.33 6.25 3.85
C ARG D 167 11.96 5.72 3.37
N ALA D 168 11.23 6.52 2.59
CA ALA D 168 9.79 6.24 2.30
C ALA D 168 9.47 5.40 1.06
N TYR D 169 10.18 4.26 0.95
CA TYR D 169 9.97 3.17 -0.05
C TYR D 169 9.05 3.44 -1.26
N HIS D 171 8.15 3.59 -5.61
CA HIS D 171 8.22 2.76 -6.80
C HIS D 171 8.61 3.58 -8.06
N GLN D 172 9.74 4.29 -8.01
CA GLN D 172 10.21 5.15 -9.14
C GLN D 172 11.74 5.23 -9.18
N VAL D 173 12.28 5.64 -10.32
CA VAL D 173 13.75 5.59 -10.58
C VAL D 173 14.63 6.58 -9.78
N VAL D 174 15.69 6.05 -9.15
CA VAL D 174 16.80 6.86 -8.58
C VAL D 174 17.68 7.48 -9.70
N THR D 175 18.35 8.61 -9.45
CA THR D 175 19.14 9.26 -10.52
C THR D 175 20.45 10.06 -10.15
N ARG D 176 21.50 9.73 -10.89
CA ARG D 176 22.87 10.26 -10.82
C ARG D 176 23.24 10.67 -12.26
N TRP D 177 22.21 10.94 -13.05
CA TRP D 177 22.36 11.15 -14.47
C TRP D 177 22.63 12.62 -14.70
N TYR D 178 22.89 13.30 -13.58
CA TYR D 178 22.88 14.75 -13.45
C TYR D 178 24.05 15.12 -12.56
N ARG D 179 24.65 14.07 -12.00
CA ARG D 179 25.92 14.14 -11.26
C ARG D 179 27.02 14.77 -12.14
N ALA D 180 27.59 15.89 -11.70
CA ALA D 180 28.73 16.49 -12.40
C ALA D 180 29.93 15.57 -12.27
N PRO D 181 30.78 15.51 -13.31
CA PRO D 181 31.83 14.50 -13.38
C PRO D 181 32.80 14.60 -12.22
N GLU D 182 33.14 15.81 -11.81
CA GLU D 182 33.99 15.96 -10.65
C GLU D 182 33.39 15.17 -9.46
N LEU D 183 32.05 15.15 -9.33
CA LEU D 183 31.39 14.34 -8.30
C LEU D 183 31.55 12.85 -8.53
N LEU D 184 31.16 12.34 -9.69
CA LEU D 184 31.33 10.90 -10.00
C LEU D 184 32.75 10.44 -9.73
N PHE D 185 33.68 11.38 -9.79
CA PHE D 185 35.07 11.06 -9.62
C PHE D 185 35.49 11.26 -8.16
N GLY D 186 34.49 11.34 -7.28
CA GLY D 186 34.71 11.41 -5.82
C GLY D 186 35.31 12.69 -5.26
N ALA D 187 35.19 13.80 -5.99
CA ALA D 187 35.67 15.10 -5.52
C ALA D 187 34.97 15.31 -4.23
N ARG D 188 35.73 15.54 -3.16
CA ARG D 188 35.09 15.74 -1.85
C ARG D 188 34.96 17.22 -1.60
N MET D 189 35.09 18.02 -2.64
CA MET D 189 34.97 19.48 -2.52
C MET D 189 34.49 20.07 -3.82
N TYR D 190 33.41 20.85 -3.78
CA TYR D 190 32.76 21.21 -5.01
C TYR D 190 31.95 22.47 -4.80
N GLY D 191 31.41 23.00 -5.87
CA GLY D 191 30.76 24.28 -5.83
C GLY D 191 29.69 24.43 -6.89
N VAL D 192 29.44 25.66 -7.33
CA VAL D 192 28.35 25.93 -8.26
C VAL D 192 28.29 24.96 -9.47
N GLY D 193 29.46 24.52 -9.95
CA GLY D 193 29.54 23.72 -11.18
C GLY D 193 28.61 22.51 -11.16
N VAL D 194 28.55 21.93 -9.98
CA VAL D 194 27.71 20.83 -9.65
C VAL D 194 26.29 21.17 -10.11
N ASP D 195 25.75 22.29 -9.67
CA ASP D 195 24.41 22.64 -10.07
C ASP D 195 24.28 22.92 -11.55
N MET D 196 25.33 23.51 -12.10
CA MET D 196 25.31 24.05 -13.45
C MET D 196 25.22 22.91 -14.45
N TRP D 197 26.05 21.89 -14.23
CA TRP D 197 26.01 20.65 -14.99
C TRP D 197 24.65 19.95 -14.97
N ALA D 198 24.01 19.92 -13.80
CA ALA D 198 22.65 19.40 -13.71
C ALA D 198 21.76 20.26 -14.60
N VAL D 199 21.82 21.57 -14.45
CA VAL D 199 21.16 22.42 -15.43
C VAL D 199 21.56 21.98 -16.87
N GLY D 200 22.85 21.70 -17.08
CA GLY D 200 23.31 21.17 -18.35
C GLY D 200 22.46 20.00 -18.78
N CYS D 201 22.27 19.04 -17.89
CA CYS D 201 21.54 17.82 -18.20
C CYS D 201 20.05 17.97 -18.34
N ILE D 202 19.48 18.91 -17.58
CA ILE D 202 18.09 19.24 -17.71
C ILE D 202 17.90 19.83 -19.10
N LEU D 203 18.62 20.90 -19.41
CA LEU D 203 18.41 21.57 -20.66
C LEU D 203 18.41 20.50 -21.76
N ALA D 204 19.49 19.70 -21.75
CA ALA D 204 19.64 18.52 -22.59
C ALA D 204 18.37 17.69 -22.70
N GLU D 205 17.64 17.55 -21.60
CA GLU D 205 16.43 16.74 -21.61
C GLU D 205 15.29 17.41 -22.31
N LEU D 206 15.14 18.72 -22.12
CA LEU D 206 14.16 19.48 -22.89
C LEU D 206 14.34 19.35 -24.43
N LEU D 207 15.59 19.28 -24.88
CA LEU D 207 15.82 19.04 -26.29
C LEU D 207 15.56 17.55 -26.55
N LEU D 208 16.58 16.73 -26.43
CA LEU D 208 16.49 15.26 -26.57
C LEU D 208 15.21 14.57 -26.14
N ARG D 209 14.46 15.18 -25.22
CA ARG D 209 13.15 14.67 -24.80
C ARG D 209 13.28 13.41 -23.95
N VAL D 210 14.52 12.94 -23.82
CA VAL D 210 14.90 11.75 -23.07
C VAL D 210 16.02 12.16 -22.10
N PRO D 211 16.12 11.50 -20.94
CA PRO D 211 17.30 11.65 -20.09
C PRO D 211 18.59 11.48 -20.88
N PHE D 212 19.44 12.51 -20.81
CA PHE D 212 20.70 12.65 -21.54
C PHE D 212 21.71 11.53 -21.25
N LEU D 213 22.09 11.39 -20.00
CA LEU D 213 23.10 10.41 -19.67
C LEU D 213 22.63 9.46 -18.54
N PRO D 214 21.81 8.47 -18.91
CA PRO D 214 21.26 7.51 -17.96
C PRO D 214 22.27 6.47 -17.56
N GLY D 215 23.02 6.63 -16.51
CA GLY D 215 24.07 5.63 -16.26
C GLY D 215 23.73 4.62 -15.18
N ASP D 216 24.06 3.35 -15.41
CA ASP D 216 23.74 2.26 -14.45
C ASP D 216 24.49 2.41 -13.17
N SER D 217 25.63 3.07 -13.25
CA SER D 217 26.53 3.21 -12.13
C SER D 217 27.37 4.46 -12.33
N ASP D 218 28.19 4.80 -11.34
CA ASP D 218 29.06 5.95 -11.44
C ASP D 218 29.94 5.80 -12.66
N LEU D 219 30.56 4.64 -12.81
CA LEU D 219 31.46 4.39 -13.95
C LEU D 219 30.73 4.39 -15.30
N ASP D 220 29.50 3.85 -15.33
CA ASP D 220 28.69 3.87 -16.55
C ASP D 220 28.25 5.29 -16.89
N GLN D 221 28.13 6.11 -15.84
CA GLN D 221 27.75 7.49 -15.98
C GLN D 221 28.91 8.24 -16.50
N LEU D 222 30.07 7.92 -15.94
CA LEU D 222 31.28 8.61 -16.31
C LEU D 222 31.56 8.29 -17.80
N THR D 223 31.55 7.00 -18.14
CA THR D 223 31.67 6.56 -19.51
C THR D 223 30.72 7.33 -20.40
N ARG D 224 29.44 7.30 -20.06
CA ARG D 224 28.42 7.94 -20.87
C ARG D 224 28.75 9.40 -21.12
N ILE D 225 29.23 10.10 -20.11
CA ILE D 225 29.54 11.48 -20.30
C ILE D 225 30.63 11.53 -21.37
N PHE D 226 31.68 10.77 -21.16
CA PHE D 226 32.81 10.85 -22.04
C PHE D 226 32.55 10.50 -23.48
N GLU D 227 31.85 9.39 -23.76
CA GLU D 227 31.57 9.04 -25.17
C GLU D 227 30.72 10.12 -25.86
N THR D 228 29.94 10.85 -25.06
CA THR D 228 29.11 11.91 -25.60
C THR D 228 29.95 13.15 -25.81
N LEU D 229 30.65 13.56 -24.77
CA LEU D 229 31.26 14.88 -24.74
C LEU D 229 32.75 14.81 -24.95
N GLY D 230 33.26 13.61 -25.14
CA GLY D 230 34.69 13.43 -25.24
C GLY D 230 35.37 13.32 -23.87
N THR D 231 36.48 12.59 -23.82
CA THR D 231 37.30 12.51 -22.62
C THR D 231 37.94 13.89 -22.54
N PRO D 232 38.10 14.44 -21.35
CA PRO D 232 38.73 15.73 -21.22
C PRO D 232 40.24 15.61 -21.24
N THR D 233 40.84 16.23 -22.23
CA THR D 233 42.27 16.49 -22.22
C THR D 233 42.65 17.12 -20.89
N GLU D 234 43.80 16.71 -20.34
CA GLU D 234 44.32 17.42 -19.19
C GLU D 234 44.29 18.94 -19.54
N GLU D 235 44.17 19.25 -20.82
CA GLU D 235 44.11 20.63 -21.28
C GLU D 235 42.85 21.35 -20.75
N GLN D 236 41.68 20.75 -20.96
CA GLN D 236 40.40 21.38 -20.60
C GLN D 236 40.05 21.17 -19.14
N TRP D 237 40.71 20.21 -18.49
CA TRP D 237 40.48 19.95 -17.08
C TRP D 237 41.76 19.55 -16.38
N PRO D 238 42.64 20.50 -16.11
CA PRO D 238 43.80 20.17 -15.32
C PRO D 238 43.28 19.93 -13.91
N ASP D 239 43.86 18.92 -13.25
CA ASP D 239 43.48 18.54 -11.89
C ASP D 239 42.50 17.41 -11.97
N MET D 240 42.01 17.15 -13.18
CA MET D 240 41.09 16.04 -13.34
C MET D 240 41.70 14.80 -12.71
N CYS D 241 42.99 14.63 -12.93
CA CYS D 241 43.75 13.47 -12.44
C CYS D 241 43.79 13.24 -10.96
N SER D 242 43.91 14.34 -10.23
CA SER D 242 44.20 14.27 -8.81
C SER D 242 42.91 14.03 -8.02
N LEU D 243 41.92 13.48 -8.71
CA LEU D 243 40.58 13.29 -8.19
C LEU D 243 40.53 11.92 -7.55
N PRO D 244 39.98 11.86 -6.34
CA PRO D 244 39.94 10.64 -5.55
C PRO D 244 39.55 9.33 -6.24
N ASP D 245 38.52 9.35 -7.09
CA ASP D 245 38.15 8.13 -7.83
C ASP D 245 38.61 8.12 -9.31
N TYR D 246 39.54 9.00 -9.67
CA TYR D 246 39.98 9.07 -11.07
C TYR D 246 40.46 7.74 -11.60
N VAL D 247 40.23 7.52 -12.89
CA VAL D 247 40.76 6.41 -13.69
C VAL D 247 40.63 6.81 -15.14
N THR D 248 41.61 6.43 -15.96
CA THR D 248 41.68 6.90 -17.33
C THR D 248 40.62 6.19 -18.20
N PHE D 249 40.28 6.78 -19.34
CA PHE D 249 39.21 6.29 -20.19
C PHE D 249 39.73 6.29 -21.62
N LYS D 250 39.30 5.34 -22.45
CA LYS D 250 39.69 5.42 -23.84
C LYS D 250 39.34 6.83 -24.28
N SER D 251 40.30 7.53 -24.84
CA SER D 251 40.05 8.89 -25.24
C SER D 251 38.94 8.97 -26.31
N PHE D 252 37.80 9.53 -25.94
CA PHE D 252 36.68 9.70 -26.90
C PHE D 252 36.71 11.03 -27.61
N PRO D 253 36.43 11.00 -28.93
CA PRO D 253 36.13 12.19 -29.71
C PRO D 253 34.95 12.92 -29.10
N GLY D 254 33.85 12.19 -28.89
CA GLY D 254 32.63 12.74 -28.36
C GLY D 254 31.88 13.38 -29.49
N ILE D 255 30.59 13.06 -29.61
CA ILE D 255 29.73 13.65 -30.63
C ILE D 255 29.59 15.18 -30.53
N PRO D 256 29.85 15.86 -31.65
CA PRO D 256 29.48 17.28 -31.85
C PRO D 256 28.05 17.72 -31.44
N LEU D 257 27.96 18.36 -30.28
CA LEU D 257 26.75 19.08 -29.84
C LEU D 257 25.66 19.28 -30.92
N HIS D 258 26.01 19.84 -32.08
CA HIS D 258 25.00 20.01 -33.14
C HIS D 258 24.35 18.68 -33.52
N HIS D 259 25.16 17.64 -33.67
CA HIS D 259 24.66 16.28 -33.95
C HIS D 259 23.78 15.79 -32.79
N ILE D 260 24.27 15.92 -31.57
CA ILE D 260 23.54 15.54 -30.36
C ILE D 260 22.19 16.23 -30.33
N PHE D 261 22.23 17.56 -30.34
CA PHE D 261 21.03 18.39 -30.29
C PHE D 261 20.84 18.98 -31.66
N SER D 262 20.26 18.16 -32.54
CA SER D 262 20.14 18.52 -33.95
C SER D 262 19.33 19.79 -34.10
N ALA D 263 18.41 19.97 -33.13
CA ALA D 263 17.42 21.05 -33.12
C ALA D 263 18.02 22.40 -32.70
N ALA D 264 19.02 22.37 -31.83
CA ALA D 264 19.45 23.53 -31.04
C ALA D 264 20.22 24.56 -31.84
N GLY D 265 19.76 25.82 -31.78
CA GLY D 265 20.40 26.92 -32.52
C GLY D 265 21.74 27.31 -31.89
N ASP D 266 22.68 27.78 -32.70
CA ASP D 266 24.01 28.18 -32.21
C ASP D 266 23.98 28.93 -30.88
N ASP D 267 23.25 30.04 -30.83
CA ASP D 267 23.06 30.80 -29.59
C ASP D 267 22.86 29.92 -28.35
N LEU D 268 22.23 28.74 -28.53
CA LEU D 268 21.91 27.76 -27.47
C LEU D 268 23.00 26.73 -27.30
N LEU D 269 23.75 26.47 -28.36
CA LEU D 269 24.73 25.41 -28.27
C LEU D 269 25.87 25.81 -27.35
N ASP D 270 26.44 26.98 -27.58
CA ASP D 270 27.51 27.39 -26.68
C ASP D 270 26.98 27.48 -25.25
N LEU D 271 25.72 27.89 -25.05
CA LEU D 271 25.08 27.78 -23.71
C LEU D 271 25.25 26.38 -23.08
N ILE D 272 24.85 25.35 -23.80
CA ILE D 272 25.05 23.99 -23.35
C ILE D 272 26.54 23.68 -23.17
N GLN D 273 27.30 23.75 -24.26
CA GLN D 273 28.75 23.60 -24.21
C GLN D 273 29.31 24.29 -22.97
N GLY D 274 28.73 25.45 -22.66
CA GLY D 274 29.10 26.23 -21.49
C GLY D 274 28.78 25.53 -20.21
N LEU D 275 27.58 24.97 -20.11
CA LEU D 275 27.11 24.24 -18.93
C LEU D 275 27.77 22.89 -18.85
N PHE D 276 28.53 22.52 -19.87
CA PHE D 276 29.12 21.20 -19.84
C PHE D 276 30.62 21.14 -19.72
N LEU D 277 31.30 22.28 -19.66
CA LEU D 277 32.75 22.23 -19.52
C LEU D 277 33.11 21.33 -18.32
N PHE D 278 33.98 20.35 -18.54
CA PHE D 278 34.39 19.41 -17.49
C PHE D 278 34.96 20.05 -16.21
N ASN D 279 35.78 21.08 -16.39
CA ASN D 279 36.37 21.70 -15.24
C ASN D 279 35.41 22.62 -14.52
N PRO D 280 35.13 22.26 -13.28
CA PRO D 280 34.14 22.92 -12.45
C PRO D 280 34.07 24.48 -12.52
N CYS D 281 35.20 25.18 -12.66
CA CYS D 281 35.11 26.65 -12.73
C CYS D 281 35.28 27.17 -14.13
N ALA D 282 35.71 26.31 -15.06
CA ALA D 282 35.51 26.70 -16.44
C ALA D 282 34.01 26.86 -16.65
N ARG D 283 33.23 25.99 -15.98
CA ARG D 283 31.80 25.84 -16.22
C ARG D 283 31.12 27.15 -16.04
N ILE D 284 30.16 27.43 -16.90
CA ILE D 284 29.44 28.68 -16.83
C ILE D 284 28.72 28.86 -15.50
N THR D 285 28.78 30.07 -14.95
CA THR D 285 27.99 30.43 -13.75
C THR D 285 26.52 30.64 -14.05
N ALA D 286 25.67 30.62 -13.03
CA ALA D 286 24.24 30.88 -13.27
C ALA D 286 24.04 32.32 -13.73
N THR D 287 24.68 33.26 -13.04
CA THR D 287 24.68 34.65 -13.52
C THR D 287 25.19 34.69 -14.97
N GLN D 288 26.35 34.09 -15.20
CA GLN D 288 26.97 34.08 -16.50
C GLN D 288 26.13 33.45 -17.62
N ALA D 289 25.33 32.45 -17.29
CA ALA D 289 24.55 31.79 -18.33
C ALA D 289 23.38 32.68 -18.64
N LEU D 290 22.90 33.40 -17.63
CA LEU D 290 21.82 34.35 -17.80
C LEU D 290 22.29 35.54 -18.59
N LYS D 291 23.57 35.87 -18.46
CA LYS D 291 24.19 36.90 -19.30
C LYS D 291 24.56 36.38 -20.69
N MET D 292 24.07 35.21 -21.10
CA MET D 292 24.50 34.67 -22.39
C MET D 292 23.66 35.17 -23.55
N LYS D 293 24.32 35.42 -24.68
CA LYS D 293 23.61 35.86 -25.90
C LYS D 293 22.29 35.12 -26.08
N TYR D 294 22.21 33.88 -25.62
CA TYR D 294 21.03 33.04 -25.81
C TYR D 294 19.72 33.63 -25.28
N PHE D 295 19.76 34.37 -24.17
CA PHE D 295 18.52 34.83 -23.51
C PHE D 295 18.15 36.23 -23.92
N SER D 296 19.04 36.88 -24.67
CA SER D 296 18.70 38.11 -25.36
C SER D 296 18.27 37.83 -26.81
N ASN D 297 18.60 36.64 -27.33
CA ASN D 297 18.49 36.34 -28.76
C ASN D 297 17.10 36.03 -29.32
N ARG D 298 17.07 35.75 -30.63
CA ARG D 298 15.86 35.70 -31.47
C ARG D 298 14.55 35.34 -30.79
N PRO D 299 14.22 34.06 -30.63
CA PRO D 299 12.93 33.69 -30.02
C PRO D 299 12.81 34.30 -28.63
N GLY D 300 11.60 34.64 -28.22
CA GLY D 300 11.42 35.19 -26.90
C GLY D 300 11.17 34.03 -25.96
N PRO D 301 11.45 34.23 -24.67
CA PRO D 301 11.06 33.24 -23.66
C PRO D 301 9.54 33.24 -23.59
N THR D 302 8.92 32.13 -23.98
CA THR D 302 7.47 32.04 -24.04
C THR D 302 6.87 32.37 -22.66
N PRO D 303 5.96 33.33 -22.62
CA PRO D 303 5.50 33.94 -21.36
C PRO D 303 4.85 32.99 -20.35
N GLY D 304 4.96 33.35 -19.07
CA GLY D 304 4.43 32.57 -17.94
C GLY D 304 3.43 31.45 -18.25
N CYS D 305 2.15 31.80 -18.28
CA CYS D 305 1.07 30.82 -18.37
C CYS D 305 0.82 30.32 -19.77
N GLN D 306 1.73 30.64 -20.68
CA GLN D 306 1.57 30.26 -22.07
C GLN D 306 2.37 28.98 -22.36
N LEU D 307 3.01 28.46 -21.33
CA LEU D 307 3.70 27.18 -21.41
C LEU D 307 2.66 26.04 -21.29
N PRO D 308 2.97 24.86 -21.82
CA PRO D 308 2.01 23.75 -21.84
C PRO D 308 1.72 23.14 -20.46
N ARG D 309 0.51 22.64 -20.27
CA ARG D 309 0.18 21.91 -19.05
C ARG D 309 -0.37 20.52 -19.39
N PRO D 310 -0.02 19.52 -18.57
CA PRO D 310 -0.47 18.12 -18.78
C PRO D 310 -1.91 17.82 -18.29
N ASN D 311 -2.45 16.67 -18.75
CA ASN D 311 -3.88 16.32 -18.66
C ASN D 311 -4.52 16.36 -17.28
#